data_3TN0
#
_entry.id   3TN0
#
_cell.length_a   59.171
_cell.length_b   86.368
_cell.length_c   236.403
_cell.angle_alpha   90.00
_cell.angle_beta   90.00
_cell.angle_gamma   90.00
#
_symmetry.space_group_name_H-M   'P 21 21 21'
#
loop_
_entity.id
_entity.type
_entity.pdbx_description
1 polymer 'Antigen-presenting glycoprotein CD1d1'
2 polymer 'Beta-2 microglobulin'
3 polymer 'mouse NKT Valpha14 (MOUSE VARIABLE DOMAIN, HUMAN CONSTANT DOMAIN)'
4 polymer 'mouse NKT Vbeta8.2 (MOUSE VARIABLE DOMAIN, HUMAN CONSTANT DOMAIN)'
5 branched 2-acetamido-2-deoxy-beta-D-glucopyranose-(1-4)-2-acetamido-2-deoxy-beta-D-glucopyranose
6 non-polymer N-[(3S,4S,5R)-4,5-dihydroxy-1-[(2R,3R,4R,5R,6R)-3,4,5-trihydroxy-6-(hydroxymethyl)oxan-2-yl]nonadecan-3-yl]hexacosanamide
7 non-polymer 2-acetamido-2-deoxy-beta-D-glucopyranose
#
loop_
_entity_poly.entity_id
_entity_poly.type
_entity_poly.pdbx_seq_one_letter_code
_entity_poly.pdbx_strand_id
1 'polypeptide(L)'
;SEAQQKNYTFRCLQMSSFANRSWSRTDSVVWLGDLQTHRWSNDSATISFTKPWSQGKLSNQQWEKLQHMFQVYRVSFTRD
IQELVKMMSPKEDYPIEIQLSAGCEMYPGNASESFLHVAFQGKYVVRFWGTSWQTVPGAPSWLDLPIKVLNADQGTSATV
QMLLNDTCPLFVRGLLEAGKSDLEKQEKPVAWLSSVPSSAHGHRQLVCHVSGFYPKPVWVMWMRGDQEQQGTHRGDFLPN
ADETWYLQATLDVEAGEEAGLACRVKHSSLGGQDIILYWGSLHHILDAQKMVWNHRHHHHHH
;
A
2 'polypeptide(L)'
;IQKTPQIQVYSRHPPENGKPNILNCYVTQFHPPHIEIQMLKNGKKIPKVEMSDMSFSKDWSFYILAHTEFTPTETDTYAC
RVKHASMAEPKTVYWDRDM
;
B
3 'polypeptide(L)'
;TQVEQSPQSLVVRQGENSVLQCNYSVTPDNHLRWFKQDTGKGLVSLTVLVDQKDKTSNGRYSATLDKDAKHSTLHITATL
LDDTATYICVVGDRGSALGRLHFGAGTQLIVIPDIQNPDPAVYQLRDSKSSDKSVCLFTDFDSQTNVSQSKDSDVYITDK
CVLDMRSMDFKSNSAVAWSNKSDFACANAFNNSIIPEDTFFPSPESS
;
C
4 'polypeptide(L)'
;EAAVTQSPRNKVAVTGGKVTLSCNQTNNHNNMYWYRQDTGHGLRLIHYSYGAGSTEKGDIPDGYKASRPSQENFSLILEL
ATPSQTSVYFCASGDAGGNYAEQFFGPGTRLTVLEDLKNVFPPEVAVFEPSEAEISHTQKATLVCLATGFYPDHVELSWW
VNGKEVHSGVCTDPQPLKEQPALNDSRYALSSRLRVSATFWQNPRNHFRCQVQFYGLSENDEWTQDRAKPVTQIVSAEAW
GRAD
;
D
#
# COMPACT_ATOMS: atom_id res chain seq x y z
N ASN A 7 -37.78 -9.43 17.46
CA ASN A 7 -36.46 -9.95 17.00
C ASN A 7 -36.06 -9.37 15.65
N TYR A 8 -35.03 -8.52 15.65
CA TYR A 8 -34.57 -7.84 14.42
C TYR A 8 -33.14 -8.21 14.06
N THR A 9 -32.92 -8.53 12.77
CA THR A 9 -31.62 -8.96 12.28
C THR A 9 -31.02 -7.96 11.30
N PHE A 10 -30.05 -7.18 11.78
CA PHE A 10 -29.37 -6.16 10.99
C PHE A 10 -28.09 -6.71 10.38
N ARG A 11 -28.08 -6.81 9.06
CA ARG A 11 -26.94 -7.39 8.35
C ARG A 11 -26.40 -6.44 7.28
N CYS A 12 -25.06 -6.39 7.18
CA CYS A 12 -24.33 -5.64 6.17
C CYS A 12 -23.73 -6.63 5.21
N LEU A 13 -24.08 -6.50 3.93
CA LEU A 13 -23.62 -7.41 2.87
C LEU A 13 -22.57 -6.77 1.97
N GLN A 14 -21.48 -7.50 1.77
CA GLN A 14 -20.38 -7.04 0.95
C GLN A 14 -19.98 -8.10 -0.07
N MET A 15 -20.18 -7.78 -1.34
CA MET A 15 -19.70 -8.62 -2.44
C MET A 15 -18.55 -7.93 -3.14
N SER A 16 -17.45 -8.67 -3.30
CA SER A 16 -16.28 -8.15 -3.96
C SER A 16 -15.83 -9.13 -5.01
N SER A 17 -15.63 -8.62 -6.23
CA SER A 17 -15.23 -9.43 -7.37
C SER A 17 -13.82 -9.07 -7.83
N PHE A 18 -12.90 -10.00 -7.67
CA PHE A 18 -11.55 -9.85 -8.20
C PHE A 18 -11.48 -10.65 -9.50
N ALA A 19 -11.32 -9.95 -10.62
CA ALA A 19 -11.29 -10.62 -11.94
C ALA A 19 -9.89 -11.10 -12.30
N ASN A 20 -8.91 -10.20 -12.20
CA ASN A 20 -7.51 -10.50 -12.45
C ASN A 20 -6.64 -9.65 -11.53
N ARG A 21 -5.33 -9.58 -11.80
CA ARG A 21 -4.41 -8.80 -10.95
C ARG A 21 -4.70 -7.30 -10.90
N SER A 22 -5.38 -6.78 -11.92
CA SER A 22 -5.69 -5.37 -12.00
C SER A 22 -7.14 -5.05 -11.61
N TRP A 23 -8.08 -5.70 -12.28
CA TRP A 23 -9.51 -5.36 -12.20
C TRP A 23 -10.17 -5.87 -10.91
N SER A 24 -10.98 -5.01 -10.29
CA SER A 24 -11.72 -5.35 -9.07
C SER A 24 -12.96 -4.50 -8.87
N ARG A 25 -13.93 -5.04 -8.15
CA ARG A 25 -15.18 -4.36 -7.83
C ARG A 25 -15.68 -4.66 -6.41
N THR A 26 -16.19 -3.64 -5.72
CA THR A 26 -16.83 -3.83 -4.41
C THR A 26 -18.12 -3.01 -4.29
N ASP A 27 -19.24 -3.72 -4.16
CA ASP A 27 -20.52 -3.12 -3.89
C ASP A 27 -21.02 -3.63 -2.55
N SER A 28 -21.74 -2.78 -1.82
CA SER A 28 -22.22 -3.11 -0.48
C SER A 28 -23.69 -2.72 -0.30
N VAL A 29 -24.45 -3.56 0.39
CA VAL A 29 -25.83 -3.22 0.78
C VAL A 29 -26.09 -3.54 2.25
N VAL A 30 -27.00 -2.79 2.87
CA VAL A 30 -27.30 -2.96 4.29
C VAL A 30 -28.81 -3.06 4.58
N TRP A 31 -29.20 -4.21 5.14
CA TRP A 31 -30.59 -4.52 5.44
C TRP A 31 -30.81 -4.52 6.94
N LEU A 32 -31.89 -3.86 7.35
CA LEU A 32 -32.39 -3.98 8.71
C LEU A 32 -33.67 -4.79 8.61
N GLY A 33 -33.64 -5.99 9.20
CA GLY A 33 -34.73 -6.94 9.04
C GLY A 33 -34.75 -7.30 7.56
N ASP A 34 -35.74 -6.76 6.85
CA ASP A 34 -35.82 -6.88 5.39
C ASP A 34 -36.21 -5.57 4.71
N LEU A 35 -35.63 -4.48 5.19
CA LEU A 35 -35.74 -3.17 4.56
C LEU A 35 -34.34 -2.67 4.24
N GLN A 36 -34.11 -2.27 3.00
CA GLN A 36 -32.80 -1.75 2.61
C GLN A 36 -32.60 -0.35 3.19
N THR A 37 -31.46 -0.14 3.83
CA THR A 37 -31.16 1.13 4.48
C THR A 37 -29.95 1.82 3.87
N HIS A 38 -28.95 1.02 3.47
CA HIS A 38 -27.70 1.56 2.97
C HIS A 38 -27.24 0.91 1.66
N ARG A 39 -26.53 1.72 0.87
CA ARG A 39 -26.01 1.30 -0.42
C ARG A 39 -24.64 1.92 -0.63
N TRP A 40 -23.64 1.09 -0.92
CA TRP A 40 -22.32 1.58 -1.25
C TRP A 40 -21.81 0.99 -2.56
N SER A 41 -21.86 1.79 -3.61
CA SER A 41 -21.40 1.34 -4.91
C SER A 41 -19.91 1.56 -5.09
N ASN A 42 -19.28 0.72 -5.92
CA ASN A 42 -17.90 0.92 -6.33
C ASN A 42 -17.76 2.23 -7.09
N ASP A 43 -18.85 2.63 -7.75
CA ASP A 43 -18.94 3.91 -8.47
C ASP A 43 -18.55 5.09 -7.59
N SER A 44 -19.20 5.19 -6.43
CA SER A 44 -19.09 6.34 -5.55
C SER A 44 -18.17 6.10 -4.36
N ALA A 45 -17.49 7.14 -3.92
CA ALA A 45 -16.55 7.08 -2.81
C ALA A 45 -17.22 7.23 -1.44
N THR A 46 -18.54 7.41 -1.46
CA THR A 46 -19.32 7.61 -0.24
C THR A 46 -20.50 6.64 -0.16
N ILE A 47 -20.85 6.23 1.05
CA ILE A 47 -22.05 5.44 1.31
C ILE A 47 -23.30 6.30 1.07
N SER A 48 -24.37 5.67 0.59
CA SER A 48 -25.63 6.36 0.36
C SER A 48 -26.73 5.85 1.28
N PHE A 49 -27.62 6.75 1.66
CA PHE A 49 -28.84 6.39 2.37
C PHE A 49 -29.91 6.03 1.36
N THR A 50 -30.66 4.97 1.64
CA THR A 50 -31.78 4.59 0.78
C THR A 50 -33.11 4.98 1.42
N LYS A 51 -33.09 5.28 2.72
CA LYS A 51 -34.25 5.75 3.48
C LYS A 51 -33.91 7.10 4.14
N PRO A 52 -34.93 7.89 4.54
CA PRO A 52 -34.60 9.16 5.23
C PRO A 52 -33.96 8.93 6.60
N TRP A 53 -34.42 7.90 7.30
CA TRP A 53 -33.97 7.61 8.66
C TRP A 53 -32.71 6.73 8.74
N SER A 54 -32.04 6.54 7.60
CA SER A 54 -30.86 5.66 7.51
C SER A 54 -29.64 6.18 8.27
N GLN A 55 -29.56 7.50 8.41
CA GLN A 55 -28.52 8.18 9.21
C GLN A 55 -28.46 7.63 10.65
N GLY A 56 -29.54 6.97 11.06
CA GLY A 56 -29.67 6.38 12.39
C GLY A 56 -29.92 7.46 13.41
N LYS A 57 -29.52 7.21 14.65
CA LYS A 57 -29.50 8.23 15.68
C LYS A 57 -28.05 8.68 15.87
N LEU A 58 -27.51 9.35 14.85
CA LEU A 58 -26.12 9.83 14.86
C LEU A 58 -26.01 11.24 14.27
N SER A 59 -25.09 12.04 14.81
CA SER A 59 -24.84 13.40 14.32
C SER A 59 -23.93 13.39 13.11
N ASN A 60 -24.00 14.45 12.30
CA ASN A 60 -23.26 14.54 11.04
C ASN A 60 -21.79 14.16 11.13
N GLN A 61 -21.11 14.68 12.15
CA GLN A 61 -19.70 14.35 12.41
C GLN A 61 -19.53 12.92 12.91
N GLN A 62 -20.46 12.48 13.75
CA GLN A 62 -20.41 11.14 14.36
C GLN A 62 -20.47 10.06 13.29
N TRP A 63 -21.21 10.35 12.23
CA TRP A 63 -21.36 9.45 11.09
C TRP A 63 -20.16 9.53 10.15
N GLU A 64 -19.51 10.70 10.11
CA GLU A 64 -18.35 10.90 9.26
C GLU A 64 -17.18 9.99 9.59
N LYS A 65 -16.93 9.79 10.89
CA LYS A 65 -15.89 8.89 11.36
C LYS A 65 -16.11 7.46 10.85
N LEU A 66 -17.38 7.05 10.76
CA LEU A 66 -17.73 5.74 10.23
C LEU A 66 -17.46 5.67 8.73
N GLN A 67 -18.09 6.56 7.97
CA GLN A 67 -17.94 6.60 6.51
C GLN A 67 -16.48 6.67 6.13
N HIS A 68 -15.73 7.53 6.83
CA HIS A 68 -14.30 7.70 6.58
C HIS A 68 -13.51 6.43 6.88
N MET A 69 -13.82 5.77 7.98
CA MET A 69 -13.10 4.56 8.37
C MET A 69 -13.38 3.46 7.35
N PHE A 70 -14.65 3.36 6.95
CA PHE A 70 -15.09 2.40 5.96
C PHE A 70 -14.47 2.68 4.60
N GLN A 71 -14.34 3.97 4.27
CA GLN A 71 -13.67 4.40 3.03
C GLN A 71 -12.25 3.86 2.98
N VAL A 72 -11.54 4.02 4.09
CA VAL A 72 -10.19 3.49 4.31
C VAL A 72 -10.19 1.98 4.13
N TYR A 73 -11.27 1.33 4.57
CA TYR A 73 -11.39 -0.12 4.54
C TYR A 73 -11.54 -0.69 3.13
N ARG A 74 -12.53 -0.22 2.38
CA ARG A 74 -12.73 -0.67 1.01
C ARG A 74 -11.39 -0.69 0.29
N VAL A 75 -10.73 0.46 0.26
CA VAL A 75 -9.42 0.64 -0.35
C VAL A 75 -8.39 -0.37 0.16
N SER A 76 -8.36 -0.58 1.47
CA SER A 76 -7.38 -1.45 2.08
C SER A 76 -7.68 -2.91 1.80
N PHE A 77 -8.97 -3.25 1.88
CA PHE A 77 -9.44 -4.63 1.71
C PHE A 77 -8.99 -5.21 0.37
N THR A 78 -9.22 -4.44 -0.70
CA THR A 78 -8.84 -4.84 -2.05
C THR A 78 -7.36 -5.16 -2.07
N ARG A 79 -6.54 -4.16 -1.72
CA ARG A 79 -5.09 -4.29 -1.79
C ARG A 79 -4.54 -5.42 -0.93
N ASP A 80 -5.23 -5.72 0.17
CA ASP A 80 -4.83 -6.82 1.07
C ASP A 80 -5.06 -8.21 0.47
N ILE A 81 -6.25 -8.44 -0.09
CA ILE A 81 -6.52 -9.69 -0.79
C ILE A 81 -5.60 -9.82 -2.01
N GLN A 82 -5.50 -8.74 -2.79
CA GLN A 82 -4.62 -8.70 -3.96
C GLN A 82 -3.20 -9.15 -3.60
N GLU A 83 -2.73 -8.82 -2.39
CA GLU A 83 -1.44 -9.29 -1.88
C GLU A 83 -1.51 -10.74 -1.41
N LEU A 84 -2.55 -11.08 -0.67
CA LEU A 84 -2.74 -12.44 -0.18
C LEU A 84 -2.76 -13.48 -1.31
N VAL A 85 -3.27 -13.05 -2.47
CA VAL A 85 -3.26 -13.89 -3.68
C VAL A 85 -1.83 -14.16 -4.13
N LYS A 86 -1.01 -13.11 -4.14
CA LYS A 86 0.39 -13.21 -4.52
C LYS A 86 1.17 -14.09 -3.55
N MET A 87 0.70 -14.14 -2.30
CA MET A 87 1.39 -14.86 -1.23
C MET A 87 1.30 -16.37 -1.43
N MET A 88 0.19 -16.81 -2.01
CA MET A 88 0.03 -18.20 -2.40
C MET A 88 0.29 -18.30 -3.90
N SER A 89 1.56 -18.57 -4.24
CA SER A 89 2.07 -18.45 -5.62
C SER A 89 1.27 -19.29 -6.64
N PRO A 90 1.30 -20.64 -6.52
CA PRO A 90 0.48 -21.46 -7.44
C PRO A 90 -0.97 -21.63 -6.97
N LYS A 91 -1.17 -21.87 -5.67
CA LYS A 91 -2.50 -22.08 -5.10
C LYS A 91 -3.38 -20.85 -5.26
N GLU A 92 -4.68 -21.08 -5.48
CA GLU A 92 -5.70 -20.01 -5.62
C GLU A 92 -5.39 -18.93 -6.68
N ASP A 93 -5.80 -19.20 -7.93
CA ASP A 93 -5.71 -18.24 -9.03
C ASP A 93 -7.08 -17.59 -9.30
N TYR A 94 -7.07 -16.48 -10.04
CA TYR A 94 -8.30 -15.73 -10.37
C TYR A 94 -9.24 -16.53 -11.30
N PRO A 95 -10.54 -16.14 -11.36
CA PRO A 95 -11.25 -15.05 -10.68
C PRO A 95 -11.64 -15.40 -9.25
N ILE A 96 -11.68 -14.40 -8.37
CA ILE A 96 -11.96 -14.61 -6.95
C ILE A 96 -13.25 -13.90 -6.56
N GLU A 97 -14.08 -14.60 -5.78
CA GLU A 97 -15.32 -14.02 -5.25
C GLU A 97 -15.36 -14.09 -3.73
N ILE A 98 -15.40 -12.93 -3.10
CA ILE A 98 -15.40 -12.82 -1.64
C ILE A 98 -16.64 -12.09 -1.12
N GLN A 99 -17.29 -12.69 -0.13
CA GLN A 99 -18.52 -12.16 0.45
C GLN A 99 -18.42 -11.98 1.95
N LEU A 100 -18.88 -10.84 2.44
CA LEU A 100 -18.88 -10.56 3.86
C LEU A 100 -20.28 -10.24 4.34
N SER A 101 -20.76 -11.03 5.30
CA SER A 101 -22.02 -10.74 5.95
C SER A 101 -21.76 -10.53 7.42
N ALA A 102 -21.89 -9.28 7.86
CA ALA A 102 -21.59 -8.92 9.24
C ALA A 102 -22.67 -8.02 9.83
N GLY A 103 -22.90 -8.15 11.13
CA GLY A 103 -23.92 -7.36 11.81
C GLY A 103 -24.29 -7.90 13.18
N CYS A 104 -25.47 -7.52 13.65
CA CYS A 104 -25.92 -7.90 14.98
C CYS A 104 -27.41 -8.13 15.04
N GLU A 105 -27.81 -9.15 15.81
CA GLU A 105 -29.22 -9.45 16.01
C GLU A 105 -29.73 -8.77 17.28
N MET A 106 -31.02 -8.44 17.28
CA MET A 106 -31.63 -7.70 18.40
C MET A 106 -32.60 -8.54 19.20
N TYR A 107 -32.55 -8.38 20.52
CA TYR A 107 -33.33 -9.22 21.45
C TYR A 107 -34.06 -8.39 22.50
N PRO A 108 -34.90 -9.03 23.34
CA PRO A 108 -35.54 -8.33 24.46
C PRO A 108 -34.53 -7.77 25.48
N GLY A 109 -34.56 -6.45 25.68
CA GLY A 109 -33.64 -5.78 26.61
C GLY A 109 -32.46 -5.14 25.92
N ASN A 110 -31.35 -5.00 26.65
CA ASN A 110 -30.11 -4.50 26.06
C ASN A 110 -29.39 -5.58 25.25
N ALA A 111 -29.80 -6.83 25.45
CA ALA A 111 -29.13 -8.01 24.87
C ALA A 111 -29.10 -8.04 23.36
N SER A 112 -27.92 -8.37 22.83
CA SER A 112 -27.72 -8.58 21.38
C SER A 112 -26.55 -9.55 21.12
N GLU A 113 -26.45 -10.04 19.90
CA GLU A 113 -25.36 -10.90 19.49
C GLU A 113 -24.92 -10.56 18.07
N SER A 114 -23.63 -10.25 17.92
CA SER A 114 -23.05 -9.84 16.64
C SER A 114 -22.30 -10.97 15.94
N PHE A 115 -22.05 -10.79 14.65
CA PHE A 115 -21.41 -11.80 13.80
C PHE A 115 -20.61 -11.16 12.66
N LEU A 116 -19.63 -11.91 12.15
CA LEU A 116 -18.90 -11.52 10.93
C LEU A 116 -18.48 -12.76 10.18
N HIS A 117 -19.24 -13.09 9.13
CA HIS A 117 -19.00 -14.28 8.34
C HIS A 117 -18.40 -13.96 6.97
N VAL A 118 -17.37 -14.70 6.59
CA VAL A 118 -16.68 -14.50 5.32
C VAL A 118 -16.74 -15.78 4.48
N ALA A 119 -17.11 -15.63 3.21
CA ALA A 119 -17.20 -16.76 2.26
C ALA A 119 -16.31 -16.56 1.04
N PHE A 120 -15.42 -17.53 0.80
CA PHE A 120 -14.51 -17.52 -0.33
C PHE A 120 -15.03 -18.43 -1.45
N GLN A 121 -15.45 -17.80 -2.55
CA GLN A 121 -15.91 -18.48 -3.77
C GLN A 121 -17.24 -19.23 -3.60
N GLY A 122 -18.07 -18.76 -2.67
CA GLY A 122 -19.37 -19.39 -2.39
C GLY A 122 -19.46 -20.05 -1.03
N LYS A 123 -18.48 -20.87 -0.69
CA LYS A 123 -18.42 -21.56 0.60
C LYS A 123 -17.96 -20.61 1.72
N TYR A 124 -18.65 -20.70 2.86
CA TYR A 124 -18.31 -19.93 4.07
C TYR A 124 -17.12 -20.56 4.78
N VAL A 125 -16.06 -19.79 4.95
CA VAL A 125 -14.76 -20.33 5.37
C VAL A 125 -14.06 -19.64 6.54
N VAL A 126 -14.27 -18.33 6.68
CA VAL A 126 -13.64 -17.57 7.75
C VAL A 126 -14.67 -16.77 8.55
N ARG A 127 -14.48 -16.74 9.87
CA ARG A 127 -15.32 -15.93 10.75
C ARG A 127 -14.45 -15.16 11.75
N PHE A 128 -14.93 -13.97 12.15
CA PHE A 128 -14.29 -13.25 13.23
C PHE A 128 -14.98 -13.61 14.54
N TRP A 129 -14.17 -13.98 15.53
CA TRP A 129 -14.70 -14.40 16.83
C TRP A 129 -13.79 -13.95 17.95
N GLY A 130 -14.37 -13.29 18.95
CA GLY A 130 -13.62 -12.73 20.06
C GLY A 130 -12.69 -11.65 19.57
N THR A 131 -11.40 -11.98 19.44
CA THR A 131 -10.38 -11.02 19.05
C THR A 131 -9.59 -11.42 17.81
N SER A 132 -10.07 -12.41 17.06
CA SER A 132 -9.29 -12.98 15.95
C SER A 132 -10.13 -13.65 14.87
N TRP A 133 -9.62 -13.63 13.65
CA TRP A 133 -10.20 -14.42 12.57
C TRP A 133 -9.87 -15.88 12.79
N GLN A 134 -10.79 -16.76 12.41
CA GLN A 134 -10.54 -18.20 12.49
C GLN A 134 -11.19 -18.97 11.36
N THR A 135 -10.48 -19.99 10.87
CA THR A 135 -11.00 -20.88 9.85
C THR A 135 -12.11 -21.73 10.45
N VAL A 136 -13.28 -21.71 9.81
CA VAL A 136 -14.44 -22.47 10.24
C VAL A 136 -14.12 -23.97 10.31
N PRO A 137 -14.76 -24.70 11.25
CA PRO A 137 -14.71 -26.16 11.20
C PRO A 137 -15.22 -26.69 9.86
N GLY A 138 -14.43 -27.56 9.23
CA GLY A 138 -14.73 -28.04 7.89
C GLY A 138 -14.39 -26.99 6.85
N ALA A 139 -13.11 -26.67 6.76
CA ALA A 139 -12.62 -25.66 5.81
C ALA A 139 -11.21 -26.04 5.37
N PRO A 140 -10.79 -25.58 4.17
CA PRO A 140 -9.48 -25.92 3.62
C PRO A 140 -8.32 -25.38 4.45
N SER A 141 -7.27 -26.17 4.60
CA SER A 141 -6.17 -25.84 5.51
C SER A 141 -5.19 -24.82 4.94
N TRP A 142 -5.25 -24.56 3.64
CA TRP A 142 -4.36 -23.58 3.01
C TRP A 142 -4.66 -22.16 3.50
N LEU A 143 -5.88 -21.95 3.98
CA LEU A 143 -6.31 -20.65 4.51
C LEU A 143 -5.53 -20.20 5.73
N ASP A 144 -4.87 -21.15 6.39
CA ASP A 144 -4.13 -20.91 7.64
C ASP A 144 -3.06 -19.82 7.55
N LEU A 145 -2.19 -19.90 6.53
CA LEU A 145 -1.14 -18.91 6.34
C LEU A 145 -1.67 -17.48 6.18
N PRO A 146 -2.68 -17.26 5.31
CA PRO A 146 -3.33 -15.95 5.22
C PRO A 146 -4.01 -15.50 6.52
N ILE A 147 -4.56 -16.44 7.27
CA ILE A 147 -5.16 -16.16 8.55
C ILE A 147 -4.12 -15.65 9.55
N LYS A 148 -2.98 -16.35 9.59
CA LYS A 148 -1.87 -16.00 10.47
C LYS A 148 -1.34 -14.60 10.15
N VAL A 149 -1.30 -14.27 8.86
CA VAL A 149 -0.83 -12.95 8.41
C VAL A 149 -1.78 -11.85 8.89
N LEU A 150 -3.08 -12.10 8.81
CA LEU A 150 -4.07 -11.08 9.14
C LEU A 150 -4.20 -10.82 10.64
N ASN A 151 -3.98 -11.84 11.45
CA ASN A 151 -4.10 -11.73 12.91
C ASN A 151 -3.03 -10.88 13.59
N ALA A 152 -1.84 -10.82 12.96
CA ALA A 152 -0.73 -10.02 13.48
C ALA A 152 -1.07 -8.54 13.63
N ASP A 153 -2.08 -8.10 12.88
CA ASP A 153 -2.55 -6.73 12.95
C ASP A 153 -3.51 -6.54 14.12
N GLN A 154 -2.95 -6.18 15.28
CA GLN A 154 -3.75 -5.85 16.45
C GLN A 154 -4.62 -4.61 16.22
N GLY A 155 -4.10 -3.67 15.42
CA GLY A 155 -4.78 -2.40 15.11
C GLY A 155 -6.12 -2.55 14.41
N THR A 156 -6.19 -3.50 13.47
CA THR A 156 -7.45 -3.83 12.81
C THR A 156 -8.31 -4.65 13.75
N SER A 157 -7.75 -5.78 14.20
CA SER A 157 -8.42 -6.68 15.13
C SER A 157 -8.99 -5.96 16.35
N ALA A 158 -8.46 -4.77 16.65
CA ALA A 158 -9.00 -3.93 17.71
C ALA A 158 -10.29 -3.26 17.27
N THR A 159 -10.23 -2.54 16.15
CA THR A 159 -11.37 -1.77 15.69
C THR A 159 -12.55 -2.63 15.20
N VAL A 160 -12.27 -3.89 14.87
CA VAL A 160 -13.31 -4.84 14.45
C VAL A 160 -14.12 -5.27 15.67
N GLN A 161 -13.45 -5.41 16.81
CA GLN A 161 -14.11 -5.65 18.08
C GLN A 161 -14.98 -4.46 18.44
N MET A 162 -14.49 -3.26 18.14
CA MET A 162 -15.22 -2.02 18.44
C MET A 162 -16.55 -1.99 17.71
N LEU A 163 -16.52 -2.31 16.42
CA LEU A 163 -17.73 -2.33 15.59
C LEU A 163 -18.69 -3.45 15.98
N LEU A 164 -18.14 -4.62 16.29
CA LEU A 164 -18.96 -5.77 16.65
C LEU A 164 -19.52 -5.69 18.06
N ASN A 165 -18.66 -5.39 19.03
CA ASN A 165 -19.07 -5.35 20.43
C ASN A 165 -19.93 -4.14 20.77
N ASP A 166 -19.55 -2.97 20.22
CA ASP A 166 -20.14 -1.70 20.64
C ASP A 166 -20.95 -0.98 19.55
N THR A 167 -20.29 -0.66 18.44
CA THR A 167 -20.87 0.20 17.41
C THR A 167 -22.11 -0.38 16.75
N CYS A 168 -22.14 -1.70 16.58
CA CYS A 168 -23.29 -2.35 15.92
C CYS A 168 -24.59 -2.16 16.72
N PRO A 169 -24.68 -2.70 17.95
CA PRO A 169 -25.94 -2.54 18.68
C PRO A 169 -26.25 -1.07 18.99
N LEU A 170 -25.22 -0.25 19.20
CA LEU A 170 -25.42 1.16 19.53
C LEU A 170 -25.86 1.99 18.33
N PHE A 171 -25.79 1.39 17.15
CA PHE A 171 -26.33 1.98 15.95
C PHE A 171 -27.76 1.49 15.77
N VAL A 172 -27.91 0.16 15.80
CA VAL A 172 -29.17 -0.54 15.52
C VAL A 172 -30.28 -0.28 16.55
N ARG A 173 -29.92 -0.15 17.83
CA ARG A 173 -30.85 0.35 18.84
C ARG A 173 -31.33 1.74 18.44
N GLY A 174 -30.45 2.51 17.79
CA GLY A 174 -30.79 3.80 17.21
C GLY A 174 -31.72 3.68 16.02
N LEU A 175 -31.26 3.03 14.95
CA LEU A 175 -32.04 2.85 13.71
C LEU A 175 -33.48 2.40 13.93
N LEU A 176 -33.69 1.51 14.90
CA LEU A 176 -35.02 0.99 15.24
C LEU A 176 -35.91 2.05 15.86
N GLU A 177 -35.34 2.85 16.76
CA GLU A 177 -36.05 3.93 17.43
C GLU A 177 -36.29 5.12 16.50
N ALA A 178 -35.52 5.18 15.42
CA ALA A 178 -35.60 6.28 14.46
C ALA A 178 -36.50 5.97 13.26
N GLY A 179 -36.69 4.68 12.99
CA GLY A 179 -37.48 4.24 11.85
C GLY A 179 -38.72 3.44 12.18
N LYS A 180 -39.22 3.59 13.41
CA LYS A 180 -40.45 2.93 13.86
C LYS A 180 -41.65 3.30 12.99
N SER A 181 -41.59 4.48 12.38
CA SER A 181 -42.68 4.99 11.54
C SER A 181 -42.87 4.14 10.29
N ASP A 182 -41.77 3.94 9.54
CA ASP A 182 -41.78 3.10 8.34
C ASP A 182 -41.85 1.61 8.67
N LEU A 183 -41.27 1.22 9.80
CA LEU A 183 -41.22 -0.19 10.21
C LEU A 183 -42.58 -0.77 10.60
N GLU A 184 -43.47 0.07 11.12
CA GLU A 184 -44.78 -0.39 11.56
C GLU A 184 -45.93 0.03 10.62
N LYS A 185 -45.57 0.36 9.38
CA LYS A 185 -46.55 0.72 8.35
C LYS A 185 -47.34 -0.53 7.93
N GLN A 186 -48.56 -0.33 7.42
CA GLN A 186 -49.43 -1.44 7.04
C GLN A 186 -49.91 -1.29 5.60
N GLU A 187 -49.64 -2.29 4.77
CA GLU A 187 -50.10 -2.28 3.38
C GLU A 187 -51.07 -3.41 3.04
N LYS A 188 -52.27 -3.05 2.60
CA LYS A 188 -53.34 -4.00 2.29
C LYS A 188 -53.08 -4.82 1.02
N PRO A 189 -53.21 -6.16 1.10
CA PRO A 189 -53.00 -7.02 -0.07
C PRO A 189 -54.20 -7.11 -1.02
N VAL A 190 -53.91 -7.05 -2.33
CA VAL A 190 -54.88 -7.34 -3.37
C VAL A 190 -54.73 -8.84 -3.69
N ALA A 191 -55.81 -9.50 -4.12
CA ALA A 191 -55.73 -10.92 -4.46
C ALA A 191 -56.51 -11.27 -5.72
N TRP A 192 -56.05 -12.28 -6.44
CA TRP A 192 -56.74 -12.78 -7.63
C TRP A 192 -56.48 -14.27 -7.85
N LEU A 193 -57.48 -14.94 -8.42
CA LEU A 193 -57.41 -16.37 -8.71
C LEU A 193 -57.08 -16.61 -10.17
N SER A 194 -56.56 -17.80 -10.46
CA SER A 194 -56.34 -18.28 -11.83
C SER A 194 -56.03 -19.77 -11.80
N SER A 195 -55.73 -20.34 -12.96
CA SER A 195 -55.50 -21.77 -13.07
C SER A 195 -54.63 -22.15 -14.25
N VAL A 196 -53.89 -23.25 -14.07
CA VAL A 196 -53.04 -23.82 -15.10
C VAL A 196 -53.23 -25.34 -15.11
N PRO A 197 -52.80 -26.02 -16.19
CA PRO A 197 -52.77 -27.49 -16.18
C PRO A 197 -51.78 -28.04 -15.17
N SER A 198 -52.08 -29.21 -14.63
CA SER A 198 -51.17 -29.87 -13.69
C SER A 198 -50.19 -30.77 -14.42
N SER A 199 -49.05 -31.05 -13.79
CA SER A 199 -48.08 -32.02 -14.31
C SER A 199 -48.78 -33.32 -14.64
N ALA A 200 -49.79 -33.66 -13.83
CA ALA A 200 -50.56 -34.88 -13.97
C ALA A 200 -51.69 -34.76 -14.98
N HIS A 201 -51.93 -35.84 -15.72
CA HIS A 201 -53.02 -35.91 -16.68
C HIS A 201 -54.38 -35.79 -15.99
N GLY A 202 -55.27 -34.99 -16.58
CA GLY A 202 -56.64 -34.83 -16.07
C GLY A 202 -56.75 -34.01 -14.80
N HIS A 203 -55.61 -33.59 -14.26
CA HIS A 203 -55.58 -32.73 -13.07
C HIS A 203 -55.28 -31.29 -13.45
N ARG A 204 -55.66 -30.37 -12.59
CA ARG A 204 -55.41 -28.96 -12.80
C ARG A 204 -54.86 -28.28 -11.55
N GLN A 205 -54.23 -27.12 -11.75
CA GLN A 205 -53.63 -26.37 -10.65
C GLN A 205 -54.33 -25.03 -10.49
N LEU A 206 -54.84 -24.78 -9.29
CA LEU A 206 -55.48 -23.53 -8.92
C LEU A 206 -54.46 -22.62 -8.24
N VAL A 207 -54.46 -21.34 -8.62
CA VAL A 207 -53.49 -20.39 -8.08
C VAL A 207 -54.16 -19.22 -7.39
N CYS A 208 -53.77 -18.97 -6.16
CA CYS A 208 -54.19 -17.78 -5.44
C CYS A 208 -53.02 -16.82 -5.30
N HIS A 209 -53.12 -15.68 -5.97
CA HIS A 209 -52.08 -14.67 -5.96
C HIS A 209 -52.35 -13.67 -4.85
N VAL A 210 -51.30 -13.33 -4.09
CA VAL A 210 -51.39 -12.28 -3.09
C VAL A 210 -50.24 -11.30 -3.34
N SER A 211 -50.58 -10.02 -3.49
CA SER A 211 -49.58 -9.01 -3.83
C SER A 211 -49.85 -7.68 -3.18
N GLY A 212 -48.77 -7.02 -2.78
CA GLY A 212 -48.82 -5.64 -2.33
C GLY A 212 -49.00 -5.47 -0.83
N PHE A 213 -48.69 -6.52 -0.08
CA PHE A 213 -48.86 -6.50 1.37
C PHE A 213 -47.55 -6.23 2.09
N TYR A 214 -47.67 -5.57 3.25
CA TYR A 214 -46.53 -5.31 4.12
C TYR A 214 -47.03 -5.31 5.58
N PRO A 215 -46.26 -5.95 6.48
CA PRO A 215 -45.00 -6.66 6.26
C PRO A 215 -45.17 -8.12 5.83
N LYS A 216 -44.05 -8.86 5.79
CA LYS A 216 -44.05 -10.27 5.39
C LYS A 216 -45.13 -11.16 6.00
N PRO A 217 -45.12 -11.36 7.34
CA PRO A 217 -45.91 -12.47 7.93
C PRO A 217 -47.37 -12.53 7.48
N VAL A 218 -47.68 -13.49 6.61
CA VAL A 218 -49.03 -13.61 6.03
C VAL A 218 -49.51 -15.07 6.06
N TRP A 219 -50.81 -15.26 5.81
CA TRP A 219 -51.45 -16.57 5.94
C TRP A 219 -52.44 -16.81 4.81
N VAL A 220 -52.03 -17.66 3.86
CA VAL A 220 -52.87 -18.02 2.72
C VAL A 220 -53.26 -19.50 2.79
N MET A 221 -54.55 -19.79 2.58
CA MET A 221 -55.07 -21.16 2.63
C MET A 221 -56.26 -21.42 1.72
N TRP A 222 -56.24 -22.57 1.05
CA TRP A 222 -57.40 -23.02 0.27
C TRP A 222 -58.39 -23.76 1.17
N MET A 223 -59.64 -23.33 1.09
CA MET A 223 -60.68 -23.76 2.03
C MET A 223 -61.88 -24.35 1.30
N ARG A 224 -62.43 -25.43 1.85
CA ARG A 224 -63.80 -25.83 1.55
C ARG A 224 -64.64 -25.61 2.80
N GLY A 225 -65.11 -24.38 2.97
CA GLY A 225 -65.90 -24.01 4.13
C GLY A 225 -65.04 -23.82 5.35
N ASP A 226 -65.27 -24.64 6.37
CA ASP A 226 -64.49 -24.55 7.60
C ASP A 226 -63.23 -25.41 7.56
N GLN A 227 -63.11 -26.25 6.54
CA GLN A 227 -61.99 -27.18 6.43
C GLN A 227 -60.87 -26.70 5.48
N GLU A 228 -59.71 -26.41 6.06
CA GLU A 228 -58.51 -26.04 5.30
C GLU A 228 -58.08 -27.22 4.42
N GLN A 229 -57.79 -26.95 3.15
CA GLN A 229 -57.31 -28.00 2.24
C GLN A 229 -55.82 -28.25 2.47
N GLN A 230 -55.47 -29.50 2.80
CA GLN A 230 -54.12 -29.83 3.24
C GLN A 230 -53.08 -29.79 2.10
N GLY A 231 -53.55 -29.91 0.87
CA GLY A 231 -52.67 -29.85 -0.30
C GLY A 231 -52.30 -28.43 -0.70
N THR A 232 -52.77 -27.46 0.09
CA THR A 232 -52.47 -26.06 -0.14
C THR A 232 -50.98 -25.83 0.03
N HIS A 233 -50.30 -25.60 -1.08
CA HIS A 233 -48.86 -25.37 -1.06
C HIS A 233 -48.59 -23.88 -1.16
N ARG A 234 -47.91 -23.39 -0.12
CA ARG A 234 -47.50 -22.00 -0.04
C ARG A 234 -46.31 -21.82 -0.98
N GLY A 235 -46.21 -20.68 -1.62
CA GLY A 235 -45.08 -20.38 -2.49
C GLY A 235 -43.93 -19.76 -1.73
N ASP A 236 -43.10 -18.98 -2.43
CA ASP A 236 -42.04 -18.20 -1.79
C ASP A 236 -42.39 -16.72 -1.80
N PHE A 237 -41.73 -15.96 -0.96
CA PHE A 237 -41.96 -14.52 -0.94
C PHE A 237 -41.17 -13.86 -2.08
N LEU A 238 -41.90 -13.39 -3.08
CA LEU A 238 -41.31 -12.60 -4.15
C LEU A 238 -41.41 -11.12 -3.78
N PRO A 239 -40.34 -10.35 -4.06
CA PRO A 239 -40.34 -8.94 -3.66
C PRO A 239 -40.93 -8.02 -4.72
N ASN A 240 -41.60 -6.96 -4.29
CA ASN A 240 -42.08 -5.92 -5.20
C ASN A 240 -41.19 -4.68 -5.18
N ALA A 241 -41.32 -3.84 -6.20
CA ALA A 241 -40.49 -2.64 -6.36
C ALA A 241 -40.57 -1.71 -5.15
N ASP A 242 -41.79 -1.53 -4.64
CA ASP A 242 -42.09 -0.58 -3.57
C ASP A 242 -41.92 -1.18 -2.17
N GLU A 243 -41.12 -2.25 -2.08
CA GLU A 243 -40.78 -2.93 -0.81
C GLU A 243 -41.98 -3.58 -0.11
N THR A 244 -42.96 -3.98 -0.92
CA THR A 244 -44.02 -4.88 -0.46
C THR A 244 -43.61 -6.31 -0.78
N TRP A 245 -44.60 -7.18 -0.86
CA TRP A 245 -44.36 -8.61 -1.05
C TRP A 245 -45.38 -9.27 -1.96
N TYR A 246 -45.09 -10.51 -2.34
CA TYR A 246 -45.95 -11.29 -3.22
C TYR A 246 -45.82 -12.74 -2.81
N LEU A 247 -46.95 -13.38 -2.52
CA LEU A 247 -46.98 -14.81 -2.24
C LEU A 247 -48.15 -15.45 -2.94
N GLN A 248 -47.88 -16.45 -3.77
CA GLN A 248 -48.98 -17.22 -4.32
C GLN A 248 -49.11 -18.54 -3.58
N ALA A 249 -50.34 -19.05 -3.52
CA ALA A 249 -50.63 -20.34 -2.90
C ALA A 249 -51.43 -21.18 -3.88
N THR A 250 -50.91 -22.37 -4.18
CA THR A 250 -51.48 -23.23 -5.21
C THR A 250 -52.17 -24.44 -4.61
N LEU A 251 -53.19 -24.94 -5.30
CA LEU A 251 -53.87 -26.17 -4.93
C LEU A 251 -54.14 -27.04 -6.16
N ASP A 252 -53.79 -28.31 -6.06
CA ASP A 252 -54.05 -29.26 -7.13
C ASP A 252 -55.39 -29.94 -6.93
N VAL A 253 -56.17 -29.99 -8.02
CA VAL A 253 -57.53 -30.52 -7.99
C VAL A 253 -57.75 -31.56 -9.09
N GLU A 254 -58.67 -32.48 -8.83
CA GLU A 254 -59.20 -33.35 -9.86
C GLU A 254 -60.16 -32.48 -10.68
N ALA A 255 -59.96 -32.42 -12.00
CA ALA A 255 -60.80 -31.57 -12.86
C ALA A 255 -62.28 -31.83 -12.56
N GLY A 256 -63.02 -30.76 -12.29
CA GLY A 256 -64.40 -30.88 -11.86
C GLY A 256 -64.55 -31.10 -10.37
N GLU A 257 -63.62 -30.52 -9.61
CA GLU A 257 -63.73 -30.44 -8.15
C GLU A 257 -63.32 -29.01 -7.75
N GLU A 258 -63.43 -28.10 -8.71
CA GLU A 258 -62.97 -26.74 -8.56
C GLU A 258 -63.96 -25.91 -7.77
N ALA A 259 -65.24 -26.23 -7.94
CA ALA A 259 -66.34 -25.51 -7.28
C ALA A 259 -66.36 -25.71 -5.77
N GLY A 260 -67.00 -24.78 -5.07
CA GLY A 260 -67.13 -24.84 -3.62
C GLY A 260 -65.91 -24.37 -2.86
N LEU A 261 -64.78 -24.27 -3.55
CA LEU A 261 -63.51 -23.85 -2.94
C LEU A 261 -63.36 -22.34 -2.88
N ALA A 262 -62.54 -21.87 -1.95
CA ALA A 262 -62.28 -20.44 -1.79
C ALA A 262 -60.92 -20.17 -1.14
N CYS A 263 -60.30 -19.07 -1.53
CA CYS A 263 -59.00 -18.66 -1.01
C CYS A 263 -59.19 -17.62 0.09
N ARG A 264 -58.66 -17.92 1.28
CA ARG A 264 -58.76 -17.03 2.44
C ARG A 264 -57.38 -16.44 2.77
N VAL A 265 -57.34 -15.13 2.94
CA VAL A 265 -56.09 -14.42 3.25
C VAL A 265 -56.18 -13.72 4.60
N LYS A 266 -55.27 -14.06 5.51
CA LYS A 266 -55.20 -13.41 6.82
C LYS A 266 -53.93 -12.58 6.95
N HIS A 267 -54.09 -11.27 7.12
CA HIS A 267 -52.96 -10.35 7.27
C HIS A 267 -53.19 -9.37 8.42
N SER A 268 -52.09 -8.92 9.03
CA SER A 268 -52.13 -7.91 10.07
C SER A 268 -52.73 -6.59 9.58
N SER A 269 -52.55 -6.32 8.29
CA SER A 269 -52.97 -5.06 7.67
C SER A 269 -54.47 -4.77 7.80
N LEU A 270 -55.29 -5.80 7.65
CA LEU A 270 -56.74 -5.61 7.49
C LEU A 270 -57.56 -5.60 8.79
N GLY A 271 -56.96 -6.05 9.88
CA GLY A 271 -57.68 -6.22 11.14
C GLY A 271 -58.24 -7.62 11.19
N GLY A 272 -59.56 -7.73 11.19
CA GLY A 272 -60.22 -9.04 11.18
C GLY A 272 -60.78 -9.45 9.82
N GLN A 273 -60.93 -8.47 8.92
CA GLN A 273 -61.62 -8.68 7.64
C GLN A 273 -60.79 -9.41 6.58
N ASP A 274 -60.80 -10.75 6.66
CA ASP A 274 -60.06 -11.62 5.73
C ASP A 274 -60.52 -11.48 4.28
N ILE A 275 -59.58 -11.64 3.37
CA ILE A 275 -59.88 -11.65 1.93
C ILE A 275 -60.30 -13.07 1.57
N ILE A 276 -61.59 -13.27 1.25
CA ILE A 276 -62.07 -14.58 0.85
C ILE A 276 -62.56 -14.57 -0.60
N LEU A 277 -61.71 -15.07 -1.51
CA LEU A 277 -62.05 -15.16 -2.94
C LEU A 277 -62.68 -16.49 -3.28
N TYR A 278 -63.87 -16.44 -3.88
CA TYR A 278 -64.63 -17.64 -4.19
C TYR A 278 -64.48 -18.05 -5.64
N TRP A 279 -64.02 -19.28 -5.87
CA TRP A 279 -63.86 -19.80 -7.21
C TRP A 279 -65.20 -19.84 -7.93
N GLY A 280 -65.30 -19.12 -9.05
CA GLY A 280 -66.50 -19.14 -9.87
C GLY A 280 -67.59 -18.19 -9.41
N SER A 281 -67.23 -17.28 -8.50
CA SER A 281 -68.11 -16.18 -8.13
C SER A 281 -68.25 -15.20 -9.29
N LEU A 282 -69.35 -14.47 -9.33
CA LEU A 282 -69.57 -13.45 -10.37
C LEU A 282 -68.39 -12.50 -10.46
N HIS A 283 -67.68 -12.35 -9.33
CA HIS A 283 -66.45 -11.57 -9.24
C HIS A 283 -65.28 -12.25 -9.96
N HIS A 284 -64.97 -13.48 -9.58
CA HIS A 284 -63.90 -14.30 -10.19
C HIS A 284 -64.00 -14.37 -11.72
N ILE A 285 -65.21 -14.54 -12.22
CA ILE A 285 -65.48 -14.56 -13.67
C ILE A 285 -65.21 -13.18 -14.30
N LEU A 286 -65.67 -12.12 -13.64
CA LEU A 286 -65.44 -10.75 -14.10
C LEU A 286 -63.95 -10.45 -14.27
N ASP A 287 -63.14 -10.88 -13.30
CA ASP A 287 -61.70 -10.74 -13.39
C ASP A 287 -61.12 -11.55 -14.56
N ALA A 288 -61.42 -12.85 -14.57
CA ALA A 288 -60.87 -13.79 -15.57
C ALA A 288 -61.17 -13.39 -17.03
N GLN A 289 -62.34 -12.83 -17.27
CA GLN A 289 -62.69 -12.31 -18.60
C GLN A 289 -61.92 -11.03 -18.89
N LYS A 290 -61.53 -10.33 -17.83
CA LYS A 290 -60.79 -9.08 -17.95
C LYS A 290 -59.30 -9.36 -18.18
N MET A 291 -58.90 -10.62 -18.10
CA MET A 291 -57.52 -11.02 -18.36
C MET A 291 -57.45 -12.31 -19.18
N VAL A 292 -57.70 -12.19 -20.47
CA VAL A 292 -57.65 -13.32 -21.40
C VAL A 292 -56.54 -13.06 -22.41
N TRP A 293 -55.94 -14.14 -22.94
CA TRP A 293 -54.85 -14.01 -23.94
C TRP A 293 -54.64 -15.23 -24.84
N ASN A 294 -53.70 -15.10 -25.78
CA ASN A 294 -53.43 -16.13 -26.79
C ASN A 294 -52.70 -17.38 -26.27
N HIS A 295 -51.96 -17.22 -25.17
CA HIS A 295 -51.31 -18.34 -24.46
C HIS A 295 -49.96 -18.85 -24.98
N ARG A 296 -49.46 -18.27 -26.07
CA ARG A 296 -48.07 -18.48 -26.45
C ARG A 296 -47.23 -17.44 -25.70
N HIS A 297 -46.23 -17.86 -24.92
CA HIS A 297 -45.80 -19.25 -24.74
C HIS A 297 -45.86 -19.58 -23.26
N HIS A 298 -46.49 -20.71 -22.90
CA HIS A 298 -46.95 -20.88 -21.52
C HIS A 298 -46.31 -21.99 -20.65
N HIS A 299 -45.05 -22.34 -20.91
CA HIS A 299 -44.36 -23.45 -20.22
C HIS A 299 -44.84 -24.82 -20.73
N GLN B 2 -20.24 -23.24 -9.57
CA GLN B 2 -20.88 -22.15 -10.37
C GLN B 2 -22.38 -22.41 -10.57
N LYS B 3 -23.21 -21.71 -9.80
CA LYS B 3 -24.64 -22.03 -9.69
C LYS B 3 -25.57 -21.35 -10.71
N THR B 4 -26.62 -22.07 -11.11
CA THR B 4 -27.50 -21.69 -12.23
C THR B 4 -28.69 -20.79 -11.83
N PRO B 5 -28.83 -19.62 -12.47
CA PRO B 5 -29.90 -18.67 -12.18
C PRO B 5 -31.30 -19.24 -12.43
N GLN B 6 -32.21 -18.96 -11.50
CA GLN B 6 -33.63 -19.33 -11.64
C GLN B 6 -34.44 -18.03 -11.75
N ILE B 7 -35.31 -17.95 -12.76
CA ILE B 7 -36.02 -16.70 -13.07
C ILE B 7 -37.52 -16.84 -12.84
N GLN B 8 -38.08 -15.94 -12.03
CA GLN B 8 -39.53 -15.84 -11.86
C GLN B 8 -40.02 -14.52 -12.44
N VAL B 9 -41.08 -14.57 -13.25
CA VAL B 9 -41.63 -13.35 -13.85
C VAL B 9 -43.10 -13.17 -13.44
N TYR B 10 -43.43 -11.97 -12.98
CA TYR B 10 -44.75 -11.69 -12.41
C TYR B 10 -45.09 -10.19 -12.39
N SER B 11 -46.32 -9.88 -12.00
CA SER B 11 -46.84 -8.52 -12.03
C SER B 11 -47.21 -7.98 -10.67
N ARG B 12 -47.22 -6.65 -10.54
CA ARG B 12 -47.46 -5.98 -9.27
C ARG B 12 -48.94 -6.00 -8.86
N HIS B 13 -49.82 -5.76 -9.83
CA HIS B 13 -51.26 -5.75 -9.55
C HIS B 13 -51.97 -6.84 -10.36
N PRO B 14 -53.19 -7.24 -9.94
CA PRO B 14 -54.05 -8.09 -10.77
C PRO B 14 -54.08 -7.55 -12.20
N PRO B 15 -53.77 -8.40 -13.18
CA PRO B 15 -53.53 -7.98 -14.57
C PRO B 15 -54.78 -7.79 -15.42
N GLU B 16 -55.27 -6.55 -15.49
CA GLU B 16 -56.35 -6.18 -16.42
C GLU B 16 -55.74 -5.79 -17.77
N ASN B 17 -56.40 -6.17 -18.86
CA ASN B 17 -55.86 -5.94 -20.20
C ASN B 17 -55.93 -4.49 -20.69
N GLY B 18 -54.77 -3.92 -21.01
CA GLY B 18 -54.68 -2.56 -21.53
C GLY B 18 -54.56 -1.49 -20.47
N LYS B 19 -54.60 -1.90 -19.19
CA LYS B 19 -54.42 -0.98 -18.07
C LYS B 19 -52.97 -0.95 -17.60
N PRO B 20 -52.42 0.25 -17.34
CA PRO B 20 -51.04 0.46 -16.83
C PRO B 20 -50.71 -0.38 -15.58
N ASN B 21 -49.60 -1.11 -15.64
CA ASN B 21 -49.19 -2.03 -14.58
C ASN B 21 -47.66 -2.15 -14.45
N ILE B 22 -47.19 -2.93 -13.48
CA ILE B 22 -45.75 -3.15 -13.28
C ILE B 22 -45.34 -4.64 -13.34
N LEU B 23 -44.35 -4.94 -14.20
CA LEU B 23 -43.86 -6.32 -14.41
C LEU B 23 -42.49 -6.55 -13.78
N ASN B 24 -42.39 -7.61 -12.98
CA ASN B 24 -41.20 -7.90 -12.21
C ASN B 24 -40.48 -9.17 -12.68
N CYS B 25 -39.19 -9.04 -12.94
CA CYS B 25 -38.32 -10.15 -13.32
C CYS B 25 -37.28 -10.34 -12.23
N TYR B 26 -37.49 -11.37 -11.42
CA TYR B 26 -36.70 -11.60 -10.22
C TYR B 26 -35.83 -12.86 -10.34
N VAL B 27 -34.52 -12.64 -10.48
CA VAL B 27 -33.57 -13.72 -10.67
C VAL B 27 -32.91 -14.10 -9.35
N THR B 28 -32.69 -15.40 -9.16
CA THR B 28 -32.22 -15.92 -7.89
C THR B 28 -31.22 -17.03 -8.13
N GLN B 29 -30.54 -17.44 -7.06
CA GLN B 29 -29.79 -18.70 -7.00
C GLN B 29 -28.51 -18.76 -7.85
N PHE B 30 -28.13 -17.64 -8.45
CA PHE B 30 -26.98 -17.60 -9.35
C PHE B 30 -25.70 -17.22 -8.63
N HIS B 31 -24.58 -17.46 -9.32
CA HIS B 31 -23.22 -17.22 -8.80
C HIS B 31 -22.27 -17.54 -9.93
N PRO B 32 -21.26 -16.68 -10.18
CA PRO B 32 -20.92 -15.38 -9.56
C PRO B 32 -21.92 -14.25 -9.86
N PRO B 33 -21.72 -13.06 -9.24
CA PRO B 33 -22.63 -11.91 -9.31
C PRO B 33 -22.72 -11.19 -10.65
N HIS B 34 -21.77 -11.37 -11.55
CA HIS B 34 -21.87 -10.73 -12.86
C HIS B 34 -22.96 -11.40 -13.70
N ILE B 35 -23.99 -10.62 -14.04
CA ILE B 35 -25.17 -11.14 -14.74
C ILE B 35 -25.90 -10.03 -15.54
N GLU B 36 -26.49 -10.41 -16.68
CA GLU B 36 -27.18 -9.45 -17.57
C GLU B 36 -28.67 -9.72 -17.69
N ILE B 37 -29.48 -8.96 -16.95
CA ILE B 37 -30.93 -9.04 -17.03
C ILE B 37 -31.47 -8.07 -18.07
N GLN B 38 -32.33 -8.58 -18.96
CA GLN B 38 -32.95 -7.78 -20.00
C GLN B 38 -34.43 -8.16 -20.08
N MET B 39 -35.27 -7.16 -20.30
CA MET B 39 -36.72 -7.38 -20.42
C MET B 39 -37.23 -7.09 -21.83
N LEU B 40 -38.11 -7.97 -22.30
CA LEU B 40 -38.48 -7.98 -23.70
C LEU B 40 -39.98 -7.84 -23.95
N LYS B 41 -40.35 -6.83 -24.73
CA LYS B 41 -41.72 -6.69 -25.23
C LYS B 41 -41.70 -7.01 -26.72
N ASN B 42 -42.31 -8.14 -27.06
CA ASN B 42 -42.39 -8.63 -28.44
C ASN B 42 -41.03 -8.86 -29.12
N GLY B 43 -40.04 -9.27 -28.32
CA GLY B 43 -38.71 -9.57 -28.82
C GLY B 43 -37.69 -8.47 -28.63
N LYS B 44 -38.14 -7.22 -28.70
CA LYS B 44 -37.26 -6.06 -28.56
C LYS B 44 -37.07 -5.70 -27.08
N LYS B 45 -35.92 -5.09 -26.76
CA LYS B 45 -35.63 -4.64 -25.39
C LYS B 45 -36.46 -3.39 -25.05
N ILE B 46 -36.63 -3.12 -23.76
CA ILE B 46 -37.37 -1.93 -23.33
C ILE B 46 -36.40 -0.87 -22.79
N PRO B 47 -36.37 0.31 -23.46
CA PRO B 47 -35.36 1.37 -23.28
C PRO B 47 -35.04 1.73 -21.82
N LYS B 48 -36.03 1.65 -20.94
CA LYS B 48 -35.79 1.84 -19.50
C LYS B 48 -36.34 0.70 -18.65
N VAL B 49 -35.42 -0.07 -18.08
CA VAL B 49 -35.75 -1.14 -17.14
C VAL B 49 -34.93 -0.87 -15.89
N GLU B 50 -35.61 -0.80 -14.75
CA GLU B 50 -34.94 -0.51 -13.49
C GLU B 50 -34.58 -1.77 -12.71
N MET B 51 -33.39 -1.76 -12.12
CA MET B 51 -32.90 -2.88 -11.32
C MET B 51 -32.56 -2.41 -9.92
N SER B 52 -32.83 -3.27 -8.93
CA SER B 52 -32.45 -3.03 -7.55
C SER B 52 -31.00 -3.44 -7.32
N ASP B 53 -30.41 -2.95 -6.22
CA ASP B 53 -29.07 -3.35 -5.81
C ASP B 53 -29.07 -4.85 -5.51
N MET B 54 -28.03 -5.53 -5.95
CA MET B 54 -27.89 -6.97 -5.79
C MET B 54 -27.47 -7.34 -4.37
N SER B 55 -28.12 -8.34 -3.80
CA SER B 55 -27.69 -8.92 -2.53
C SER B 55 -27.50 -10.42 -2.63
N PHE B 56 -27.47 -11.10 -1.49
CA PHE B 56 -27.49 -12.58 -1.44
C PHE B 56 -28.15 -13.12 -0.18
N SER B 57 -28.51 -14.39 -0.22
CA SER B 57 -29.28 -15.04 0.83
C SER B 57 -28.40 -15.99 1.65
N LYS B 58 -28.97 -16.57 2.70
CA LYS B 58 -28.24 -17.41 3.67
C LYS B 58 -27.23 -18.37 3.06
N ASP B 59 -27.57 -18.92 1.89
CA ASP B 59 -26.73 -19.89 1.21
C ASP B 59 -25.59 -19.27 0.40
N TRP B 60 -25.55 -17.94 0.34
CA TRP B 60 -24.54 -17.16 -0.39
C TRP B 60 -24.81 -17.08 -1.89
N SER B 61 -26.08 -17.13 -2.27
CA SER B 61 -26.44 -16.99 -3.70
C SER B 61 -27.09 -15.63 -4.00
N PHE B 62 -26.54 -14.95 -5.00
CA PHE B 62 -26.97 -13.60 -5.35
C PHE B 62 -28.40 -13.55 -5.87
N TYR B 63 -29.04 -12.40 -5.72
CA TYR B 63 -30.40 -12.20 -6.21
C TYR B 63 -30.67 -10.73 -6.48
N ILE B 64 -31.50 -10.47 -7.48
CA ILE B 64 -31.72 -9.12 -7.97
C ILE B 64 -33.11 -8.97 -8.58
N LEU B 65 -33.79 -7.87 -8.26
CA LEU B 65 -35.09 -7.56 -8.84
C LEU B 65 -35.00 -6.54 -9.97
N ALA B 66 -35.54 -6.90 -11.14
CA ALA B 66 -35.69 -5.99 -12.26
C ALA B 66 -37.18 -5.76 -12.52
N HIS B 67 -37.57 -4.51 -12.71
CA HIS B 67 -38.98 -4.15 -12.78
C HIS B 67 -39.25 -3.03 -13.78
N THR B 68 -40.20 -3.25 -14.67
CA THR B 68 -40.56 -2.24 -15.68
C THR B 68 -42.05 -1.92 -15.67
N GLU B 69 -42.37 -0.70 -16.07
CA GLU B 69 -43.74 -0.26 -16.29
C GLU B 69 -44.23 -0.76 -17.65
N PHE B 70 -45.51 -1.14 -17.73
CA PHE B 70 -46.10 -1.69 -18.97
C PHE B 70 -47.64 -1.66 -19.01
N THR B 71 -48.20 -2.18 -20.10
CA THR B 71 -49.64 -2.46 -20.22
C THR B 71 -49.83 -3.83 -20.87
N PRO B 72 -50.36 -4.80 -20.11
CA PRO B 72 -50.66 -6.14 -20.64
C PRO B 72 -51.83 -6.14 -21.61
N THR B 73 -51.78 -7.02 -22.62
CA THR B 73 -52.92 -7.24 -23.50
C THR B 73 -53.09 -8.73 -23.81
N GLU B 74 -53.98 -9.01 -24.76
CA GLU B 74 -54.21 -10.37 -25.21
C GLU B 74 -53.06 -10.85 -26.10
N THR B 75 -52.56 -9.97 -26.97
CA THR B 75 -51.55 -10.34 -27.97
C THR B 75 -50.08 -10.13 -27.58
N ASP B 76 -49.78 -9.06 -26.85
CA ASP B 76 -48.40 -8.64 -26.58
C ASP B 76 -47.63 -9.63 -25.70
N THR B 77 -46.38 -9.91 -26.09
CA THR B 77 -45.55 -10.90 -25.40
C THR B 77 -44.43 -10.27 -24.59
N TYR B 78 -44.50 -10.45 -23.27
CA TYR B 78 -43.48 -9.96 -22.36
C TYR B 78 -42.60 -11.10 -21.87
N ALA B 79 -41.29 -10.87 -21.89
CA ALA B 79 -40.31 -11.91 -21.54
C ALA B 79 -39.12 -11.31 -20.80
N CYS B 80 -38.43 -12.18 -20.05
CA CYS B 80 -37.20 -11.80 -19.39
C CYS B 80 -36.02 -12.70 -19.79
N ARG B 81 -35.03 -12.10 -20.44
CA ARG B 81 -33.82 -12.79 -20.87
C ARG B 81 -32.70 -12.51 -19.87
N VAL B 82 -32.08 -13.58 -19.38
CA VAL B 82 -31.00 -13.46 -18.40
C VAL B 82 -29.73 -14.13 -18.89
N LYS B 83 -28.68 -13.33 -19.08
CA LYS B 83 -27.38 -13.81 -19.55
C LYS B 83 -26.43 -14.05 -18.38
N HIS B 84 -25.84 -15.25 -18.35
CA HIS B 84 -24.97 -15.64 -17.25
C HIS B 84 -23.83 -16.54 -17.73
N ALA B 85 -22.84 -16.73 -16.87
CA ALA B 85 -21.72 -17.63 -17.14
C ALA B 85 -22.09 -19.09 -16.90
N SER B 86 -23.19 -19.34 -16.19
CA SER B 86 -23.68 -20.69 -15.96
C SER B 86 -24.12 -21.38 -17.24
N MET B 87 -24.62 -20.58 -18.17
CA MET B 87 -25.24 -21.08 -19.40
C MET B 87 -24.67 -20.47 -20.69
N ALA B 88 -24.33 -21.33 -21.65
CA ALA B 88 -23.80 -20.91 -22.94
C ALA B 88 -24.84 -20.12 -23.73
N GLU B 89 -26.08 -20.59 -23.72
CA GLU B 89 -27.18 -19.88 -24.35
C GLU B 89 -27.99 -19.18 -23.26
N PRO B 90 -28.38 -17.91 -23.50
CA PRO B 90 -29.12 -17.11 -22.51
C PRO B 90 -30.50 -17.69 -22.21
N LYS B 91 -30.94 -17.60 -20.96
CA LYS B 91 -32.25 -18.10 -20.56
C LYS B 91 -33.31 -17.03 -20.77
N THR B 92 -34.25 -17.34 -21.67
CA THR B 92 -35.39 -16.47 -21.98
C THR B 92 -36.64 -17.05 -21.34
N VAL B 93 -37.22 -16.29 -20.40
CA VAL B 93 -38.47 -16.69 -19.74
C VAL B 93 -39.60 -15.70 -20.01
N TYR B 94 -40.62 -16.17 -20.74
CA TYR B 94 -41.79 -15.38 -21.08
C TYR B 94 -42.77 -15.29 -19.92
N TRP B 95 -43.49 -14.17 -19.83
CA TRP B 95 -44.47 -13.95 -18.77
C TRP B 95 -45.76 -14.74 -18.99
N ASP B 96 -45.86 -15.88 -18.32
CA ASP B 96 -47.10 -16.63 -18.26
C ASP B 96 -47.96 -15.98 -17.18
N ARG B 97 -49.16 -15.58 -17.57
CA ARG B 97 -50.02 -14.78 -16.71
C ARG B 97 -50.73 -15.62 -15.66
N ASP B 98 -51.35 -16.72 -16.09
CA ASP B 98 -52.09 -17.60 -15.20
C ASP B 98 -51.14 -18.32 -14.24
N MET B 99 -49.84 -18.12 -14.45
CA MET B 99 -48.81 -18.72 -13.64
C MET B 99 -48.63 -17.94 -12.34
N THR C 1 7.14 11.31 -2.70
CA THR C 1 6.18 12.45 -2.78
C THR C 1 4.97 12.23 -1.85
N GLN C 2 4.85 11.02 -1.32
CA GLN C 2 3.85 10.69 -0.32
C GLN C 2 4.24 11.27 1.04
N VAL C 3 5.55 11.40 1.26
CA VAL C 3 6.12 11.81 2.55
C VAL C 3 7.26 12.81 2.36
N GLU C 4 7.00 14.08 2.66
CA GLU C 4 7.96 15.16 2.45
C GLU C 4 8.65 15.61 3.74
N GLN C 5 9.96 15.84 3.66
CA GLN C 5 10.76 16.21 4.84
C GLN C 5 11.35 17.63 4.74
N SER C 6 11.31 18.33 5.87
CA SER C 6 11.87 19.67 5.96
C SER C 6 12.73 19.81 7.22
N PRO C 7 13.87 20.53 7.11
CA PRO C 7 14.40 21.14 5.89
C PRO C 7 15.11 20.12 4.98
N GLN C 8 15.62 20.60 3.85
CA GLN C 8 16.39 19.75 2.95
C GLN C 8 17.70 19.35 3.62
N SER C 9 18.58 20.31 3.80
CA SER C 9 19.76 20.11 4.64
C SER C 9 19.75 21.09 5.79
N LEU C 10 20.35 20.68 6.90
CA LEU C 10 20.38 21.48 8.12
C LEU C 10 21.77 21.51 8.74
N VAL C 11 22.12 22.67 9.31
CA VAL C 11 23.40 22.87 9.97
C VAL C 11 23.26 23.35 11.42
N VAL C 12 23.85 22.60 12.35
CA VAL C 12 23.84 22.97 13.78
C VAL C 12 25.25 22.91 14.39
N ARG C 13 25.43 23.60 15.52
CA ARG C 13 26.73 23.71 16.16
C ARG C 13 26.97 22.60 17.20
N GLN C 14 28.19 22.07 17.22
CA GLN C 14 28.59 20.98 18.12
C GLN C 14 27.95 21.17 19.49
N GLY C 15 27.14 20.19 19.91
CA GLY C 15 26.48 20.24 21.20
C GLY C 15 25.36 21.25 21.32
N GLU C 16 24.55 21.37 20.27
CA GLU C 16 23.33 22.19 20.32
C GLU C 16 22.14 21.45 19.74
N ASN C 17 20.95 21.89 20.09
CA ASN C 17 19.69 21.26 19.66
C ASN C 17 19.38 21.43 18.18
N SER C 18 18.68 20.45 17.62
CA SER C 18 18.24 20.52 16.23
C SER C 18 16.87 19.86 16.04
N VAL C 19 16.04 20.48 15.20
CA VAL C 19 14.69 20.00 14.94
C VAL C 19 14.56 19.49 13.49
N LEU C 20 13.83 18.38 13.31
CA LEU C 20 13.57 17.82 11.98
C LEU C 20 12.10 17.48 11.79
N GLN C 21 11.56 17.79 10.61
CA GLN C 21 10.13 17.61 10.32
C GLN C 21 9.86 16.59 9.21
N CYS C 22 8.78 15.82 9.39
CA CYS C 22 8.29 14.88 8.39
C CYS C 22 6.80 15.12 8.21
N ASN C 23 6.33 15.19 6.97
CA ASN C 23 4.95 15.62 6.70
C ASN C 23 4.18 14.77 5.68
N TYR C 24 3.65 13.65 6.14
CA TYR C 24 3.10 12.68 5.20
C TYR C 24 1.63 12.89 4.81
N SER C 25 1.20 12.14 3.79
CA SER C 25 -0.18 12.11 3.32
C SER C 25 -0.54 10.67 2.98
N VAL C 26 -0.10 9.75 3.83
CA VAL C 26 -0.21 8.33 3.60
C VAL C 26 -1.40 7.75 4.39
N THR C 27 -2.27 7.00 3.70
CA THR C 27 -3.37 6.29 4.37
C THR C 27 -3.39 4.81 4.04
N PRO C 28 -3.43 3.94 5.06
CA PRO C 28 -3.45 4.31 6.49
C PRO C 28 -2.07 4.65 7.08
N ASP C 29 -2.06 5.22 8.29
CA ASP C 29 -0.82 5.51 9.01
C ASP C 29 -0.68 4.64 10.26
N ASN C 30 -0.42 3.36 10.04
CA ASN C 30 -0.12 2.42 11.12
C ASN C 30 1.00 2.97 12.01
N HIS C 31 2.13 3.30 11.39
CA HIS C 31 3.30 3.77 12.13
C HIS C 31 4.27 4.62 11.32
N LEU C 32 5.04 5.43 12.05
CA LEU C 32 6.12 6.22 11.48
C LEU C 32 7.41 5.84 12.18
N ARG C 33 8.43 5.54 11.38
CA ARG C 33 9.75 5.22 11.90
C ARG C 33 10.79 6.20 11.37
N TRP C 34 11.75 6.58 12.22
CA TRP C 34 12.87 7.43 11.81
C TRP C 34 14.14 6.61 11.65
N PHE C 35 14.91 6.93 10.61
CA PHE C 35 16.16 6.23 10.30
C PHE C 35 17.35 7.16 10.20
N LYS C 36 18.51 6.69 10.66
CA LYS C 36 19.76 7.42 10.54
C LYS C 36 20.69 6.68 9.59
N GLN C 37 21.12 7.39 8.56
CA GLN C 37 22.02 6.83 7.55
C GLN C 37 23.33 7.61 7.53
N ASP C 38 24.40 6.95 7.99
CA ASP C 38 25.76 7.47 7.79
C ASP C 38 26.15 7.27 6.34
N THR C 39 27.05 8.10 5.84
CA THR C 39 27.43 8.05 4.43
C THR C 39 28.19 6.75 4.09
N GLY C 40 27.71 6.06 3.07
CA GLY C 40 28.23 4.74 2.71
C GLY C 40 27.44 3.62 3.37
N LYS C 41 27.13 3.82 4.64
CA LYS C 41 26.40 2.84 5.44
C LYS C 41 24.91 2.75 5.06
N GLY C 42 24.23 1.73 5.59
CA GLY C 42 22.82 1.50 5.33
C GLY C 42 21.89 2.35 6.17
N LEU C 43 20.79 1.76 6.62
CA LEU C 43 19.79 2.47 7.41
C LEU C 43 19.64 1.84 8.77
N VAL C 44 19.97 2.59 9.82
CA VAL C 44 19.75 2.11 11.17
C VAL C 44 18.49 2.75 11.74
N SER C 45 17.67 1.92 12.38
CA SER C 45 16.46 2.39 13.06
C SER C 45 16.82 3.27 14.24
N LEU C 46 16.06 4.34 14.45
CA LEU C 46 16.23 5.19 15.63
C LEU C 46 15.15 4.94 16.68
N THR C 47 13.89 5.19 16.30
CA THR C 47 12.72 4.94 17.18
C THR C 47 11.42 4.81 16.36
N VAL C 48 10.39 4.21 16.96
CA VAL C 48 9.11 3.98 16.28
C VAL C 48 7.94 4.68 16.97
N LEU C 49 7.11 5.35 16.18
CA LEU C 49 5.91 6.03 16.67
C LEU C 49 4.64 5.31 16.16
N VAL C 50 3.68 5.04 17.07
CA VAL C 50 2.53 4.17 16.76
C VAL C 50 1.12 4.82 16.91
N ASP C 51 0.83 5.36 18.08
CA ASP C 51 -0.53 5.86 18.41
C ASP C 51 -0.88 7.17 17.71
N GLN C 52 -2.15 7.59 17.81
CA GLN C 52 -2.62 8.84 17.20
C GLN C 52 -1.86 10.09 17.67
N LYS C 53 -1.64 10.17 18.98
CA LYS C 53 -0.72 11.15 19.54
C LYS C 53 0.33 10.35 20.30
N ASP C 54 1.53 10.25 19.73
CA ASP C 54 2.61 9.47 20.33
C ASP C 54 3.84 10.34 20.56
N LYS C 55 4.68 9.94 21.52
CA LYS C 55 5.91 10.66 21.85
C LYS C 55 6.93 9.72 22.50
N THR C 56 8.08 9.56 21.85
CA THR C 56 9.15 8.69 22.36
C THR C 56 10.50 9.40 22.47
N SER C 57 11.38 8.83 23.29
CA SER C 57 12.76 9.30 23.40
C SER C 57 13.72 8.13 23.57
N ASN C 58 14.92 8.28 23.01
CA ASN C 58 15.95 7.26 23.03
C ASN C 58 17.33 7.91 22.89
N GLY C 59 18.10 7.89 23.97
CA GLY C 59 19.37 8.62 24.02
C GLY C 59 19.08 10.10 23.92
N ARG C 60 19.83 10.80 23.08
CA ARG C 60 19.59 12.23 22.83
C ARG C 60 18.46 12.44 21.83
N TYR C 61 18.08 11.37 21.14
CA TYR C 61 16.96 11.38 20.19
C TYR C 61 15.64 11.39 20.96
N SER C 62 14.68 12.18 20.47
CA SER C 62 13.36 12.30 21.09
C SER C 62 12.33 12.84 20.10
N ALA C 63 11.45 11.97 19.65
CA ALA C 63 10.50 12.29 18.59
C ALA C 63 9.05 12.20 19.05
N THR C 64 8.17 12.96 18.40
CA THR C 64 6.74 12.98 18.71
C THR C 64 5.92 12.93 17.42
N LEU C 65 4.79 12.23 17.46
CA LEU C 65 3.92 12.02 16.28
C LEU C 65 2.47 12.46 16.52
N ASP C 66 1.90 13.13 15.51
CA ASP C 66 0.48 13.48 15.49
C ASP C 66 -0.19 12.89 14.24
N LYS C 67 -0.78 11.70 14.38
CA LYS C 67 -1.42 10.99 13.26
C LYS C 67 -2.59 11.77 12.67
N ASP C 68 -3.12 12.71 13.43
CA ASP C 68 -4.28 13.51 13.01
C ASP C 68 -3.86 14.78 12.26
N ALA C 69 -2.56 15.08 12.26
CA ALA C 69 -1.98 16.15 11.46
C ALA C 69 -0.96 15.58 10.50
N LYS C 70 -0.87 14.24 10.50
CA LYS C 70 0.05 13.44 9.69
C LYS C 70 1.45 14.06 9.63
N HIS C 71 1.99 14.32 10.81
CA HIS C 71 3.15 15.19 11.00
C HIS C 71 3.98 14.70 12.18
N SER C 72 5.30 14.71 12.01
CA SER C 72 6.22 14.28 13.05
C SER C 72 7.40 15.25 13.15
N THR C 73 7.98 15.35 14.34
CA THR C 73 9.25 16.07 14.51
C THR C 73 10.24 15.17 15.25
N LEU C 74 11.52 15.31 14.91
CA LEU C 74 12.57 14.59 15.59
C LEU C 74 13.57 15.57 16.18
N HIS C 75 13.79 15.47 17.48
CA HIS C 75 14.72 16.36 18.16
C HIS C 75 15.99 15.60 18.52
N ILE C 76 17.14 16.23 18.31
CA ILE C 76 18.39 15.77 18.90
C ILE C 76 18.80 16.76 19.99
N THR C 77 19.08 16.23 21.17
CA THR C 77 19.38 17.07 22.32
C THR C 77 20.91 17.17 22.51
N ALA C 78 21.48 18.31 22.10
CA ALA C 78 22.93 18.55 22.07
C ALA C 78 23.66 17.60 21.10
N THR C 79 23.83 18.06 19.87
CA THR C 79 24.30 17.22 18.77
C THR C 79 25.80 16.98 18.79
N LEU C 80 26.20 15.76 18.46
CA LEU C 80 27.61 15.40 18.39
C LEU C 80 28.11 15.39 16.94
N LEU C 81 29.41 15.25 16.75
CA LEU C 81 30.01 15.14 15.42
C LEU C 81 29.68 13.79 14.79
N ASP C 82 29.50 12.78 15.63
CA ASP C 82 29.10 11.44 15.20
C ASP C 82 27.69 11.47 14.59
N ASP C 83 27.05 12.63 14.63
CA ASP C 83 25.66 12.77 14.17
C ASP C 83 25.48 13.24 12.72
N THR C 84 26.54 13.74 12.08
CA THR C 84 26.44 14.17 10.69
C THR C 84 26.07 13.00 9.77
N ALA C 85 24.83 13.05 9.29
CA ALA C 85 24.22 11.95 8.54
C ALA C 85 22.93 12.43 7.86
N THR C 86 22.30 11.53 7.09
CA THR C 86 20.97 11.79 6.57
C THR C 86 19.91 11.12 7.43
N TYR C 87 18.81 11.82 7.64
CA TYR C 87 17.72 11.36 8.51
C TYR C 87 16.44 11.13 7.70
N ILE C 88 16.17 9.85 7.45
CA ILE C 88 15.07 9.43 6.61
C ILE C 88 13.85 9.14 7.49
N CYS C 89 12.70 9.64 7.05
CA CYS C 89 11.43 9.38 7.72
C CYS C 89 10.59 8.45 6.87
N VAL C 90 10.26 7.28 7.42
CA VAL C 90 9.41 6.33 6.71
C VAL C 90 8.07 6.10 7.42
N VAL C 91 7.04 5.85 6.63
CA VAL C 91 5.70 5.59 7.14
C VAL C 91 5.23 4.24 6.63
N GLY C 92 4.61 3.45 7.51
CA GLY C 92 4.08 2.13 7.16
C GLY C 92 2.56 2.14 7.16
N ASP C 93 1.97 1.70 6.06
CA ASP C 93 0.52 1.75 5.90
C ASP C 93 -0.24 0.62 6.59
N ARG C 94 0.46 -0.49 6.86
CA ARG C 94 -0.16 -1.62 7.55
C ARG C 94 0.76 -2.23 8.62
N GLY C 95 0.17 -2.73 9.69
CA GLY C 95 0.91 -3.41 10.74
C GLY C 95 0.83 -4.92 10.59
N SER C 96 1.23 -5.41 9.42
CA SER C 96 1.22 -6.83 9.11
C SER C 96 2.39 -7.15 8.20
N ALA C 97 2.16 -8.04 7.23
CA ALA C 97 3.14 -8.30 6.19
C ALA C 97 2.73 -7.60 4.89
N LEU C 98 1.42 -7.52 4.67
CA LEU C 98 0.84 -7.06 3.41
C LEU C 98 0.88 -5.53 3.22
N GLY C 99 1.75 -4.87 3.99
CA GLY C 99 1.93 -3.41 3.90
C GLY C 99 3.26 -2.99 3.30
N ARG C 100 3.27 -1.84 2.63
CA ARG C 100 4.48 -1.30 2.02
C ARG C 100 4.93 -0.02 2.72
N LEU C 101 6.25 0.25 2.67
CA LEU C 101 6.84 1.41 3.34
C LEU C 101 7.07 2.61 2.40
N HIS C 102 6.74 3.80 2.91
CA HIS C 102 6.89 5.04 2.16
C HIS C 102 8.06 5.83 2.69
N PHE C 103 9.06 6.05 1.86
CA PHE C 103 10.32 6.65 2.28
C PHE C 103 10.42 8.14 1.95
N GLY C 104 10.80 8.93 2.93
CA GLY C 104 11.12 10.34 2.69
C GLY C 104 12.42 10.49 1.93
N ALA C 105 12.64 11.67 1.37
CA ALA C 105 13.89 11.98 0.66
C ALA C 105 15.03 12.22 1.66
N GLY C 106 14.69 12.28 2.94
CA GLY C 106 15.66 12.43 4.02
C GLY C 106 16.13 13.86 4.23
N THR C 107 16.63 14.15 5.44
CA THR C 107 17.28 15.43 5.71
C THR C 107 18.77 15.20 5.93
N GLN C 108 19.59 16.02 5.29
CA GLN C 108 21.03 15.99 5.49
C GLN C 108 21.36 16.88 6.68
N LEU C 109 21.88 16.29 7.75
CA LEU C 109 22.27 17.07 8.92
C LEU C 109 23.80 17.22 8.99
N ILE C 110 24.25 18.46 9.16
CA ILE C 110 25.67 18.76 9.29
C ILE C 110 25.96 19.45 10.62
N VAL C 111 26.81 18.82 11.43
CA VAL C 111 27.20 19.39 12.71
C VAL C 111 28.57 20.06 12.58
N ILE C 112 28.58 21.39 12.62
CA ILE C 112 29.84 22.15 12.57
C ILE C 112 30.50 22.16 13.96
N PRO C 113 31.83 22.03 14.02
CA PRO C 113 32.49 21.98 15.31
C PRO C 113 32.57 23.36 15.92
N ASP C 114 32.41 23.43 17.24
CA ASP C 114 32.67 24.66 17.96
C ASP C 114 34.18 24.76 18.17
N ILE C 115 34.76 25.85 17.69
CA ILE C 115 36.18 26.07 17.84
C ILE C 115 36.42 27.41 18.53
N GLN C 116 36.73 27.33 19.82
CA GLN C 116 36.93 28.50 20.66
C GLN C 116 38.26 29.18 20.36
N ASN C 117 39.25 28.37 19.98
CA ASN C 117 40.56 28.90 19.63
C ASN C 117 40.90 28.73 18.15
N PRO C 118 40.57 29.74 17.33
CA PRO C 118 40.96 29.71 15.92
C PRO C 118 42.48 29.86 15.76
N ASP C 119 42.97 29.74 14.53
CA ASP C 119 44.39 29.89 14.22
C ASP C 119 44.63 29.87 12.72
N PRO C 120 43.95 30.77 11.98
CA PRO C 120 43.87 30.69 10.53
C PRO C 120 45.25 30.64 9.88
N ALA C 121 45.54 29.55 9.18
CA ALA C 121 46.84 29.37 8.56
C ALA C 121 46.79 28.54 7.27
N VAL C 122 47.54 29.02 6.27
CA VAL C 122 47.69 28.33 4.98
C VAL C 122 49.15 27.88 4.85
N TYR C 123 49.37 26.58 4.88
CA TYR C 123 50.73 26.03 4.78
C TYR C 123 51.01 25.45 3.41
N GLN C 124 52.29 25.25 3.08
CA GLN C 124 52.70 24.60 1.83
C GLN C 124 53.35 23.26 2.14
N LEU C 125 52.83 22.20 1.53
CA LEU C 125 53.31 20.85 1.79
C LEU C 125 53.93 20.22 0.54
N ARG C 126 55.22 19.87 0.64
CA ARG C 126 55.93 19.27 -0.49
C ARG C 126 55.62 17.78 -0.61
N ASP C 127 55.63 17.26 -1.84
CA ASP C 127 55.48 15.83 -2.11
C ASP C 127 56.74 15.08 -1.62
N SER C 128 56.65 13.77 -1.46
CA SER C 128 57.83 12.95 -1.17
C SER C 128 58.79 12.86 -2.36
N LYS C 129 58.28 13.13 -3.55
CA LYS C 129 59.08 13.09 -4.78
C LYS C 129 58.97 14.41 -5.58
N SER C 130 59.54 15.48 -5.04
CA SER C 130 59.66 16.79 -5.71
C SER C 130 58.36 17.34 -6.31
N LYS C 133 56.15 19.60 -7.10
CA LYS C 133 54.84 19.13 -6.66
C LYS C 133 54.58 19.51 -5.21
N SER C 134 53.52 20.29 -5.00
CA SER C 134 53.16 20.76 -3.66
C SER C 134 51.65 20.94 -3.51
N VAL C 135 51.21 21.21 -2.28
CA VAL C 135 49.80 21.57 -2.02
C VAL C 135 49.71 22.77 -1.06
N CYS C 136 48.53 23.37 -1.00
CA CYS C 136 48.26 24.43 -0.03
C CYS C 136 47.17 23.97 0.92
N LEU C 137 47.52 23.84 2.19
CA LEU C 137 46.56 23.39 3.19
C LEU C 137 46.10 24.55 4.05
N PHE C 138 44.85 24.95 3.89
CA PHE C 138 44.27 26.03 4.69
C PHE C 138 43.52 25.44 5.87
N THR C 139 44.02 25.70 7.07
CA THR C 139 43.57 24.97 8.25
C THR C 139 43.46 25.82 9.51
N ASP C 140 42.76 25.26 10.51
CA ASP C 140 42.55 25.88 11.83
C ASP C 140 41.79 27.21 11.78
N PHE C 141 40.57 27.19 11.21
CA PHE C 141 39.72 28.38 11.18
C PHE C 141 38.36 28.05 11.80
N ASP C 142 37.63 29.07 12.23
CA ASP C 142 36.34 28.85 12.87
C ASP C 142 35.31 28.47 11.82
N SER C 143 34.24 27.83 12.27
CA SER C 143 33.24 27.27 11.37
C SER C 143 32.36 28.35 10.72
N GLN C 144 32.67 29.61 10.99
CA GLN C 144 31.92 30.73 10.43
C GLN C 144 32.56 31.27 9.15
N THR C 145 33.43 30.47 8.54
CA THR C 145 34.00 30.80 7.22
C THR C 145 33.80 29.65 6.22
N ASN C 146 33.27 30.01 5.06
CA ASN C 146 33.00 29.04 4.00
C ASN C 146 34.08 29.07 2.91
N VAL C 147 34.60 27.88 2.58
CA VAL C 147 35.61 27.73 1.53
C VAL C 147 34.96 27.62 0.16
N SER C 148 35.08 28.69 -0.63
CA SER C 148 34.51 28.74 -1.98
C SER C 148 35.33 27.92 -2.98
N GLN C 149 34.69 27.51 -4.08
CA GLN C 149 35.34 26.75 -5.13
C GLN C 149 36.19 27.66 -6.00
N SER C 150 37.03 27.05 -6.85
CA SER C 150 37.94 27.80 -7.70
C SER C 150 37.25 28.54 -8.84
N LYS C 151 37.82 29.68 -9.23
CA LYS C 151 37.31 30.48 -10.35
C LYS C 151 38.10 30.21 -11.64
N ASP C 152 39.01 29.26 -11.57
CA ASP C 152 39.81 28.82 -12.72
C ASP C 152 40.05 27.32 -12.67
N SER C 153 39.79 26.63 -13.78
CA SER C 153 39.84 25.15 -13.82
C SER C 153 41.26 24.57 -13.79
N ASP C 154 42.26 25.41 -13.59
CA ASP C 154 43.65 24.97 -13.43
C ASP C 154 43.97 24.80 -11.95
N VAL C 155 43.14 25.42 -11.10
CA VAL C 155 43.29 25.36 -9.64
C VAL C 155 42.18 24.49 -9.05
N TYR C 156 42.53 23.66 -8.07
CA TYR C 156 41.53 22.81 -7.42
C TYR C 156 41.49 23.04 -5.92
N ILE C 157 40.30 23.37 -5.41
CA ILE C 157 40.08 23.70 -4.00
C ILE C 157 38.98 22.83 -3.42
N THR C 158 39.32 21.96 -2.47
CA THR C 158 38.33 21.05 -1.89
C THR C 158 37.49 21.77 -0.85
N ASP C 159 36.30 21.22 -0.58
CA ASP C 159 35.43 21.75 0.47
C ASP C 159 36.01 21.46 1.87
N LYS C 160 35.70 22.36 2.81
CA LYS C 160 36.22 22.26 4.19
C LYS C 160 35.75 20.99 4.88
N CYS C 161 36.58 20.43 5.74
CA CYS C 161 36.18 19.24 6.52
C CYS C 161 36.82 19.15 7.91
N VAL C 162 36.06 18.57 8.84
CA VAL C 162 36.36 18.57 10.26
C VAL C 162 37.11 17.32 10.73
N LEU C 163 38.27 17.51 11.35
CA LEU C 163 38.95 16.36 11.96
C LEU C 163 39.03 16.50 13.47
N ASP C 164 38.95 15.37 14.15
CA ASP C 164 39.00 15.30 15.61
C ASP C 164 40.20 14.47 16.07
N MET C 165 41.15 15.13 16.72
CA MET C 165 42.21 14.44 17.44
C MET C 165 41.66 14.12 18.83
N ARG C 166 40.88 13.05 18.91
CA ARG C 166 40.18 12.68 20.16
C ARG C 166 41.12 12.30 21.31
N SER C 167 42.41 12.24 21.00
CA SER C 167 43.46 12.10 22.01
C SER C 167 43.63 13.41 22.77
N MET C 168 43.33 14.52 22.11
CA MET C 168 43.49 15.85 22.71
C MET C 168 42.21 16.67 22.72
N ASP C 169 41.07 16.02 22.53
CA ASP C 169 39.76 16.69 22.55
C ASP C 169 39.79 17.96 21.68
N PHE C 170 40.42 17.84 20.52
CA PHE C 170 40.72 18.97 19.65
C PHE C 170 40.17 18.77 18.24
N LYS C 171 39.44 19.78 17.76
CA LYS C 171 38.83 19.76 16.44
C LYS C 171 39.34 20.92 15.57
N SER C 172 39.43 20.68 14.26
CA SER C 172 40.00 21.66 13.33
C SER C 172 39.54 21.56 11.87
N ASN C 173 39.06 22.67 11.33
CA ASN C 173 38.69 22.80 9.91
C ASN C 173 39.92 22.89 9.01
N SER C 174 39.74 22.51 7.75
CA SER C 174 40.85 22.42 6.79
C SER C 174 40.33 22.18 5.39
N ALA C 175 41.09 22.64 4.40
CA ALA C 175 40.74 22.51 2.99
C ALA C 175 42.01 22.57 2.14
N VAL C 176 42.19 21.56 1.28
CA VAL C 176 43.40 21.46 0.45
C VAL C 176 43.18 22.09 -0.92
N ALA C 177 44.19 22.84 -1.38
CA ALA C 177 44.17 23.44 -2.71
C ALA C 177 45.50 23.26 -3.44
N TRP C 178 45.43 22.87 -4.71
CA TRP C 178 46.64 22.65 -5.52
C TRP C 178 46.42 23.01 -6.99
N SER C 179 47.50 23.35 -7.68
CA SER C 179 47.44 23.64 -9.11
C SER C 179 48.70 23.19 -9.83
N ASN C 180 48.60 22.92 -11.14
CA ASN C 180 49.76 22.56 -11.94
C ASN C 180 50.38 23.77 -12.65
N LYS C 181 49.71 24.91 -12.56
CA LYS C 181 50.18 26.15 -13.19
C LYS C 181 51.38 26.74 -12.45
N SER C 182 52.18 27.55 -13.15
CA SER C 182 53.40 28.17 -12.60
C SER C 182 53.10 29.31 -11.63
N ASP C 183 52.19 30.19 -12.05
CA ASP C 183 51.78 31.40 -11.32
C ASP C 183 51.21 31.13 -9.91
N PHE C 184 50.88 29.87 -9.64
CA PHE C 184 50.15 29.48 -8.44
C PHE C 184 50.98 29.50 -7.16
N ALA C 185 50.70 30.47 -6.30
CA ALA C 185 51.35 30.60 -5.00
C ALA C 185 50.34 30.38 -3.87
N CYS C 186 50.78 29.66 -2.84
CA CYS C 186 49.92 29.25 -1.71
C CYS C 186 49.20 30.37 -1.00
N ALA C 187 49.79 31.56 -1.01
CA ALA C 187 49.18 32.74 -0.39
C ALA C 187 47.89 33.14 -1.06
N ASN C 188 47.94 33.33 -2.39
CA ASN C 188 46.75 33.74 -3.12
C ASN C 188 45.98 32.59 -3.77
N ALA C 189 45.81 31.51 -3.01
CA ALA C 189 45.18 30.29 -3.49
C ALA C 189 43.72 30.23 -3.09
N PHE C 190 43.40 30.85 -1.95
CA PHE C 190 42.03 30.89 -1.45
C PHE C 190 41.48 32.30 -1.58
N ASN C 191 42.01 33.04 -2.55
CA ASN C 191 41.56 34.40 -2.81
C ASN C 191 40.23 34.46 -3.56
N ASN C 192 39.53 33.33 -3.59
CA ASN C 192 38.12 33.27 -3.97
C ASN C 192 37.26 33.31 -2.71
N SER C 193 37.78 32.64 -1.68
CA SER C 193 37.13 32.53 -0.39
C SER C 193 37.35 33.81 0.43
N ILE C 194 36.60 33.96 1.52
CA ILE C 194 36.82 35.04 2.48
C ILE C 194 37.69 34.52 3.62
N ILE C 195 38.85 35.15 3.81
CA ILE C 195 39.78 34.74 4.87
C ILE C 195 40.14 35.92 5.77
N PRO C 196 40.23 35.69 7.09
CA PRO C 196 40.47 36.77 8.06
C PRO C 196 41.82 37.49 7.93
N GLU C 197 41.98 38.60 8.65
CA GLU C 197 43.25 39.32 8.71
C GLU C 197 44.33 38.45 9.33
N ASP C 198 44.09 37.99 10.55
CA ASP C 198 45.06 37.22 11.35
C ASP C 198 45.37 35.82 10.81
N THR C 199 45.25 35.65 9.49
CA THR C 199 45.62 34.41 8.84
C THR C 199 47.13 34.42 8.58
N PHE C 200 47.77 33.34 9.01
CA PHE C 200 49.22 33.18 8.93
C PHE C 200 49.59 32.58 7.58
N PHE C 201 50.36 33.34 6.80
CA PHE C 201 50.88 32.89 5.51
C PHE C 201 52.41 32.84 5.58
N PRO C 202 52.98 31.72 6.07
CA PRO C 202 54.43 31.64 6.22
C PRO C 202 55.12 31.75 4.86
N SER C 203 56.19 32.56 4.79
CA SER C 203 56.97 32.70 3.57
C SER C 203 57.56 31.36 3.14
N PRO C 204 57.41 31.00 1.85
CA PRO C 204 57.84 29.69 1.37
C PRO C 204 59.35 29.55 1.13
N GLU C 205 60.06 30.67 0.97
CA GLU C 205 61.50 30.65 0.69
C GLU C 205 62.30 31.37 1.79
N ALA D 3 22.19 -9.57 10.82
CA ALA D 3 22.02 -8.48 9.81
C ALA D 3 21.93 -9.03 8.38
N VAL D 4 21.96 -8.13 7.40
CA VAL D 4 21.85 -8.49 5.98
C VAL D 4 23.22 -8.40 5.29
N THR D 5 23.64 -9.49 4.65
CA THR D 5 24.95 -9.55 3.99
C THR D 5 24.84 -9.62 2.48
N GLN D 6 24.79 -8.45 1.84
CA GLN D 6 24.72 -8.37 0.39
C GLN D 6 26.10 -8.13 -0.25
N SER D 7 26.25 -8.61 -1.49
CA SER D 7 27.49 -8.46 -2.26
C SER D 7 27.22 -8.65 -3.76
N PRO D 8 28.01 -7.98 -4.63
CA PRO D 8 29.19 -7.16 -4.35
C PRO D 8 28.85 -5.83 -3.70
N ARG D 9 29.72 -5.37 -2.80
CA ARG D 9 29.51 -4.11 -2.09
C ARG D 9 29.76 -2.92 -3.01
N ASN D 10 30.24 -3.22 -4.22
CA ASN D 10 30.59 -2.21 -5.21
C ASN D 10 30.91 -2.84 -6.57
N LYS D 11 30.31 -2.32 -7.63
CA LYS D 11 30.60 -2.78 -9.00
C LYS D 11 30.46 -1.72 -10.09
N VAL D 12 31.12 -1.97 -11.21
CA VAL D 12 30.97 -1.19 -12.44
C VAL D 12 30.87 -2.11 -13.65
N ALA D 13 29.87 -1.86 -14.50
CA ALA D 13 29.68 -2.65 -15.71
C ALA D 13 29.15 -1.78 -16.86
N VAL D 14 29.37 -2.25 -18.08
CA VAL D 14 29.02 -1.51 -19.30
C VAL D 14 27.57 -1.74 -19.72
N THR D 15 27.02 -0.79 -20.50
CA THR D 15 25.66 -0.89 -21.04
C THR D 15 25.47 -2.19 -21.82
N GLY D 16 24.76 -3.15 -21.23
CA GLY D 16 24.48 -4.42 -21.89
C GLY D 16 24.99 -5.67 -21.20
N GLY D 17 25.83 -5.52 -20.18
CA GLY D 17 26.35 -6.65 -19.42
C GLY D 17 25.35 -7.20 -18.43
N LYS D 18 25.49 -8.48 -18.08
CA LYS D 18 24.62 -9.12 -17.09
C LYS D 18 25.11 -8.82 -15.68
N VAL D 19 24.21 -8.26 -14.86
CA VAL D 19 24.56 -7.91 -13.50
C VAL D 19 23.57 -8.49 -12.48
N THR D 20 24.12 -9.24 -11.53
CA THR D 20 23.34 -9.84 -10.45
C THR D 20 23.82 -9.29 -9.10
N LEU D 21 22.88 -9.05 -8.20
CA LEU D 21 23.21 -8.52 -6.87
C LEU D 21 22.74 -9.47 -5.77
N SER D 22 23.68 -10.24 -5.21
CA SER D 22 23.36 -11.20 -4.15
C SER D 22 22.91 -10.53 -2.86
N CYS D 23 22.08 -11.24 -2.11
CA CYS D 23 21.61 -10.76 -0.81
C CYS D 23 21.38 -11.92 0.13
N ASN D 24 22.03 -11.87 1.29
CA ASN D 24 21.96 -12.93 2.28
C ASN D 24 21.58 -12.43 3.66
N GLN D 25 20.96 -13.30 4.45
CA GLN D 25 20.50 -12.99 5.80
C GLN D 25 20.18 -14.25 6.61
N THR D 26 20.72 -14.32 7.83
CA THR D 26 20.43 -15.45 8.71
C THR D 26 19.35 -15.08 9.74
N ASN D 27 18.77 -13.89 9.55
CA ASN D 27 17.75 -13.34 10.46
C ASN D 27 16.39 -14.04 10.39
N ASN D 28 16.18 -14.84 9.35
CA ASN D 28 14.95 -15.64 9.18
C ASN D 28 13.67 -14.79 9.00
N HIS D 29 13.56 -14.13 7.84
CA HIS D 29 12.38 -13.32 7.50
C HIS D 29 11.76 -13.81 6.21
N ASN D 30 10.44 -13.92 6.20
CA ASN D 30 9.72 -14.45 5.06
C ASN D 30 9.81 -13.57 3.83
N ASN D 31 9.26 -12.36 3.96
CA ASN D 31 9.32 -11.38 2.89
C ASN D 31 10.56 -10.49 2.98
N MET D 32 11.14 -10.20 1.82
CA MET D 32 12.32 -9.34 1.72
C MET D 32 12.30 -8.56 0.40
N TYR D 33 13.00 -7.44 0.37
CA TYR D 33 12.75 -6.40 -0.62
C TYR D 33 14.01 -5.92 -1.33
N TRP D 34 13.85 -5.46 -2.57
CA TRP D 34 14.91 -4.72 -3.26
C TRP D 34 14.52 -3.26 -3.45
N TYR D 35 15.34 -2.36 -2.91
CA TYR D 35 15.11 -0.93 -3.05
C TYR D 35 16.26 -0.28 -3.81
N ARG D 36 16.04 0.94 -4.29
CA ARG D 36 17.14 1.75 -4.79
C ARG D 36 17.02 3.24 -4.44
N GLN D 37 18.16 3.80 -4.03
CA GLN D 37 18.22 5.18 -3.56
C GLN D 37 18.86 6.08 -4.59
N ASP D 38 18.26 7.26 -4.79
CA ASP D 38 18.77 8.29 -5.69
C ASP D 38 18.53 9.64 -5.04
N THR D 39 19.40 10.62 -5.33
CA THR D 39 19.34 11.90 -4.63
C THR D 39 18.03 12.63 -4.87
N GLY D 40 17.43 13.08 -3.77
CA GLY D 40 16.17 13.82 -3.78
C GLY D 40 15.00 12.97 -4.22
N HIS D 41 14.87 11.79 -3.62
CA HIS D 41 13.82 10.85 -3.98
C HIS D 41 13.36 9.97 -2.82
N GLY D 42 14.32 9.46 -2.05
CA GLY D 42 14.02 8.47 -1.03
C GLY D 42 13.83 7.12 -1.70
N LEU D 43 14.09 6.06 -0.95
CA LEU D 43 14.12 4.70 -1.48
C LEU D 43 12.84 4.34 -2.22
N ARG D 44 12.98 3.56 -3.29
CA ARG D 44 11.85 3.12 -4.10
C ARG D 44 11.89 1.61 -4.26
N LEU D 45 10.73 0.98 -4.17
CA LEU D 45 10.64 -0.48 -4.31
C LEU D 45 10.81 -0.91 -5.77
N ILE D 46 11.66 -1.90 -6.00
CA ILE D 46 11.88 -2.43 -7.34
C ILE D 46 11.15 -3.75 -7.48
N HIS D 47 11.62 -4.77 -6.75
CA HIS D 47 10.98 -6.09 -6.66
C HIS D 47 10.94 -6.48 -5.20
N TYR D 48 10.12 -7.47 -4.86
CA TYR D 48 9.96 -7.91 -3.47
C TYR D 48 9.40 -9.33 -3.38
N SER D 49 9.87 -10.07 -2.38
CA SER D 49 9.47 -11.47 -2.21
C SER D 49 8.64 -11.67 -0.95
N TYR D 50 7.85 -12.75 -0.94
CA TYR D 50 7.02 -13.11 0.21
C TYR D 50 7.56 -14.34 0.90
N GLY D 51 8.31 -15.15 0.15
CA GLY D 51 8.91 -16.38 0.66
C GLY D 51 9.70 -17.09 -0.43
N ALA D 52 10.28 -18.23 -0.07
CA ALA D 52 11.10 -19.02 -0.99
C ALA D 52 10.36 -19.39 -2.28
N GLY D 53 11.05 -19.21 -3.41
CA GLY D 53 10.53 -19.58 -4.73
C GLY D 53 9.40 -18.69 -5.24
N SER D 54 9.38 -17.43 -4.81
CA SER D 54 8.28 -16.52 -5.14
C SER D 54 8.67 -15.06 -5.11
N THR D 55 8.40 -14.35 -6.20
CA THR D 55 8.72 -12.92 -6.31
C THR D 55 7.60 -12.12 -6.96
N GLU D 56 7.55 -10.83 -6.64
CA GLU D 56 6.50 -9.94 -7.15
C GLU D 56 7.07 -8.57 -7.52
N LYS D 57 6.41 -7.91 -8.46
CA LYS D 57 6.86 -6.61 -8.97
C LYS D 57 6.50 -5.50 -8.00
N GLY D 58 7.46 -4.59 -7.80
CA GLY D 58 7.28 -3.43 -6.93
C GLY D 58 6.82 -2.22 -7.72
N ASP D 59 7.25 -1.04 -7.29
CA ASP D 59 6.85 0.22 -7.92
C ASP D 59 7.59 0.52 -9.20
N ILE D 60 8.91 0.29 -9.20
CA ILE D 60 9.74 0.51 -10.39
C ILE D 60 10.49 -0.76 -10.79
N PRO D 61 9.80 -1.70 -11.48
CA PRO D 61 10.33 -3.02 -11.76
C PRO D 61 11.02 -3.17 -13.13
N ASP D 62 10.83 -2.18 -14.00
CA ASP D 62 11.32 -2.23 -15.38
C ASP D 62 12.84 -2.22 -15.43
N GLY D 63 13.40 -3.09 -16.28
CA GLY D 63 14.85 -3.21 -16.44
C GLY D 63 15.46 -4.22 -15.51
N TYR D 64 14.71 -4.66 -14.50
CA TYR D 64 15.22 -5.56 -13.49
C TYR D 64 14.42 -6.86 -13.43
N LYS D 65 14.99 -7.84 -12.76
CA LYS D 65 14.27 -9.07 -12.38
C LYS D 65 14.57 -9.42 -10.91
N ALA D 66 13.89 -10.44 -10.39
CA ALA D 66 14.19 -10.97 -9.06
C ALA D 66 14.18 -12.51 -9.05
N SER D 67 14.89 -13.09 -8.09
CA SER D 67 14.89 -14.54 -7.90
C SER D 67 15.06 -14.92 -6.44
N ARG D 68 14.16 -15.77 -5.95
CA ARG D 68 14.27 -16.33 -4.61
C ARG D 68 14.50 -17.84 -4.69
N PRO D 69 15.70 -18.32 -4.33
CA PRO D 69 15.89 -19.77 -4.21
C PRO D 69 15.68 -20.27 -2.77
N SER D 70 16.51 -19.78 -1.85
CA SER D 70 16.39 -20.10 -0.43
C SER D 70 15.53 -19.05 0.24
N GLN D 71 15.24 -19.24 1.53
CA GLN D 71 14.61 -18.20 2.31
C GLN D 71 15.66 -17.14 2.65
N GLU D 72 16.91 -17.58 2.80
CA GLU D 72 17.99 -16.68 3.19
C GLU D 72 18.55 -15.79 2.06
N ASN D 73 18.40 -16.23 0.81
CA ASN D 73 18.97 -15.49 -0.32
C ASN D 73 17.97 -14.71 -1.18
N PHE D 74 18.49 -13.70 -1.89
CA PHE D 74 17.72 -12.86 -2.83
C PHE D 74 18.67 -12.27 -3.86
N SER D 75 18.15 -11.96 -5.05
CA SER D 75 18.95 -11.43 -6.16
C SER D 75 18.16 -10.53 -7.09
N LEU D 76 18.74 -9.35 -7.38
CA LEU D 76 18.17 -8.39 -8.33
C LEU D 76 18.98 -8.44 -9.63
N ILE D 77 18.32 -8.76 -10.74
CA ILE D 77 19.01 -9.09 -12.00
C ILE D 77 18.81 -8.09 -13.15
N LEU D 78 19.93 -7.65 -13.73
CA LEU D 78 19.90 -6.78 -14.91
C LEU D 78 20.44 -7.54 -16.13
N GLU D 79 19.53 -8.00 -16.99
CA GLU D 79 19.90 -8.74 -18.20
C GLU D 79 20.69 -7.85 -19.15
N LEU D 80 20.09 -6.73 -19.56
CA LEU D 80 20.78 -5.68 -20.29
C LEU D 80 20.87 -4.47 -19.37
N ALA D 81 22.09 -4.02 -19.10
CA ALA D 81 22.31 -2.86 -18.23
C ALA D 81 22.07 -1.58 -19.01
N THR D 82 21.81 -0.49 -18.28
CA THR D 82 21.68 0.86 -18.86
C THR D 82 22.30 1.89 -17.92
N PRO D 83 22.75 3.04 -18.46
CA PRO D 83 23.32 4.12 -17.65
C PRO D 83 22.38 4.57 -16.56
N SER D 84 21.08 4.72 -16.88
CA SER D 84 20.08 5.20 -15.91
C SER D 84 19.85 4.25 -14.72
N GLN D 85 20.51 3.09 -14.73
CA GLN D 85 20.46 2.15 -13.62
C GLN D 85 21.67 2.33 -12.69
N THR D 86 22.31 3.48 -12.79
CA THR D 86 23.36 3.89 -11.86
C THR D 86 22.71 4.41 -10.58
N SER D 87 22.79 3.60 -9.53
CA SER D 87 22.21 3.95 -8.23
C SER D 87 22.95 3.26 -7.11
N VAL D 88 22.36 3.30 -5.92
CA VAL D 88 22.80 2.49 -4.80
C VAL D 88 21.66 1.51 -4.51
N TYR D 89 22.01 0.26 -4.21
CA TYR D 89 20.98 -0.78 -4.02
C TYR D 89 20.96 -1.39 -2.62
N PHE D 90 19.79 -1.30 -1.98
CA PHE D 90 19.60 -1.80 -0.61
C PHE D 90 18.66 -3.00 -0.57
N CYS D 91 19.07 -4.04 0.14
CA CYS D 91 18.29 -5.27 0.26
C CYS D 91 17.69 -5.37 1.66
N ALA D 92 16.39 -5.11 1.77
CA ALA D 92 15.71 -5.10 3.06
C ALA D 92 15.19 -6.49 3.45
N SER D 93 14.91 -6.66 4.74
CA SER D 93 14.40 -7.92 5.27
C SER D 93 13.43 -7.72 6.42
N GLY D 94 12.25 -8.31 6.30
CA GLY D 94 11.19 -8.15 7.30
C GLY D 94 10.22 -9.31 7.34
N GLU D 102 10.96 -3.84 12.43
CA GLU D 102 10.27 -4.88 11.66
C GLU D 102 10.88 -5.07 10.26
N GLN D 103 11.37 -3.97 9.68
CA GLN D 103 12.13 -4.06 8.43
C GLN D 103 13.57 -3.60 8.66
N PHE D 104 14.51 -4.52 8.43
CA PHE D 104 15.94 -4.25 8.63
C PHE D 104 16.70 -4.32 7.30
N PHE D 105 17.60 -3.35 7.10
CA PHE D 105 18.18 -3.07 5.78
C PHE D 105 19.62 -3.50 5.62
N GLY D 106 20.04 -3.62 4.36
CA GLY D 106 21.42 -4.00 4.03
C GLY D 106 22.35 -2.80 3.94
N PRO D 107 23.67 -3.06 3.90
CA PRO D 107 24.70 -2.02 3.89
C PRO D 107 24.76 -1.21 2.59
N GLY D 108 24.21 -1.76 1.51
CA GLY D 108 24.14 -1.04 0.23
C GLY D 108 25.16 -1.45 -0.80
N THR D 109 24.78 -1.30 -2.07
CA THR D 109 25.64 -1.63 -3.20
C THR D 109 25.72 -0.49 -4.20
N ARG D 110 26.94 -0.08 -4.53
CA ARG D 110 27.15 1.05 -5.44
C ARG D 110 27.47 0.56 -6.85
N LEU D 111 26.48 0.70 -7.73
CA LEU D 111 26.63 0.24 -9.11
C LEU D 111 26.63 1.39 -10.11
N THR D 112 27.81 1.70 -10.66
CA THR D 112 27.92 2.67 -11.75
C THR D 112 27.90 1.91 -13.07
N VAL D 113 26.89 2.18 -13.88
CA VAL D 113 26.78 1.57 -15.20
C VAL D 113 27.10 2.62 -16.25
N LEU D 114 28.09 2.34 -17.07
CA LEU D 114 28.71 3.30 -17.99
C LEU D 114 28.34 3.07 -19.45
N GLU D 115 28.50 4.12 -20.26
CA GLU D 115 28.32 4.02 -21.72
C GLU D 115 29.43 3.20 -22.39
N ASP D 116 30.68 3.53 -22.08
CA ASP D 116 31.84 2.81 -22.63
C ASP D 116 32.98 2.69 -21.60
N LEU D 117 33.63 1.54 -21.58
CA LEU D 117 34.68 1.23 -20.58
C LEU D 117 36.07 1.78 -20.89
N LYS D 118 36.23 2.43 -22.05
CA LYS D 118 37.51 3.01 -22.44
C LYS D 118 37.90 4.22 -21.58
N ASN D 119 36.93 4.74 -20.84
CA ASN D 119 37.10 5.98 -20.10
C ASN D 119 37.54 5.80 -18.64
N VAL D 120 37.77 4.53 -18.26
CA VAL D 120 38.06 4.16 -16.88
C VAL D 120 39.55 4.28 -16.53
N PHE D 121 39.84 4.99 -15.44
CA PHE D 121 41.21 5.17 -14.95
C PHE D 121 41.34 4.88 -13.46
N PRO D 122 42.45 4.24 -13.06
CA PRO D 122 42.79 4.08 -11.65
C PRO D 122 43.39 5.37 -11.10
N PRO D 123 43.48 5.52 -9.76
CA PRO D 123 44.00 6.80 -9.22
C PRO D 123 45.52 6.86 -9.03
N GLU D 124 46.05 8.07 -8.99
CA GLU D 124 47.45 8.29 -8.61
C GLU D 124 47.46 8.90 -7.20
N VAL D 125 48.01 8.16 -6.25
CA VAL D 125 48.00 8.54 -4.84
C VAL D 125 49.32 9.19 -4.46
N ALA D 126 49.25 10.41 -3.93
CA ALA D 126 50.44 11.14 -3.48
C ALA D 126 50.28 11.65 -2.05
N VAL D 127 51.30 11.39 -1.23
CA VAL D 127 51.33 11.90 0.15
C VAL D 127 52.19 13.16 0.22
N PHE D 128 51.65 14.22 0.83
CA PHE D 128 52.42 15.44 1.02
C PHE D 128 52.82 15.59 2.48
N GLU D 129 54.01 16.13 2.70
CA GLU D 129 54.63 16.12 4.01
C GLU D 129 54.39 17.44 4.73
N PRO D 130 54.25 17.40 6.07
CA PRO D 130 53.91 18.60 6.86
C PRO D 130 54.96 19.68 6.73
N SER D 131 54.56 20.93 6.90
CA SER D 131 55.49 22.06 6.76
C SER D 131 56.09 22.45 8.09
N GLU D 132 57.38 22.74 8.06
CA GLU D 132 58.11 23.14 9.27
C GLU D 132 57.41 24.28 10.01
N ALA D 133 56.63 25.07 9.28
CA ALA D 133 55.80 26.13 9.84
C ALA D 133 54.70 25.56 10.73
N GLU D 134 53.94 24.61 10.21
CA GLU D 134 52.87 23.97 10.97
C GLU D 134 53.44 23.26 12.20
N ILE D 135 54.64 22.71 12.06
CA ILE D 135 55.32 22.07 13.18
C ILE D 135 55.66 23.14 14.22
N SER D 136 56.49 24.09 13.81
CA SER D 136 56.95 25.19 14.66
C SER D 136 55.84 25.89 15.43
N HIS D 137 54.76 26.23 14.73
CA HIS D 137 53.73 27.10 15.28
C HIS D 137 52.64 26.40 16.10
N THR D 138 52.09 25.31 15.57
CA THR D 138 50.96 24.63 16.21
C THR D 138 51.38 23.52 17.18
N GLN D 139 52.53 22.91 16.92
CA GLN D 139 52.98 21.69 17.60
C GLN D 139 52.14 20.49 17.16
N LYS D 140 51.81 20.48 15.87
CA LYS D 140 51.02 19.44 15.23
C LYS D 140 51.49 19.25 13.78
N ALA D 141 51.32 18.05 13.24
CA ALA D 141 51.71 17.74 11.87
C ALA D 141 50.55 17.17 11.05
N THR D 142 50.20 17.84 9.95
CA THR D 142 49.17 17.35 9.03
C THR D 142 49.81 16.76 7.77
N LEU D 143 49.34 15.59 7.34
CA LEU D 143 49.85 14.95 6.14
C LEU D 143 48.73 14.84 5.11
N VAL D 144 48.87 15.59 4.01
CA VAL D 144 47.84 15.58 2.97
C VAL D 144 47.99 14.36 2.07
N CYS D 145 46.85 13.78 1.68
CA CYS D 145 46.82 12.78 0.62
C CYS D 145 46.03 13.29 -0.58
N LEU D 146 46.47 12.92 -1.77
CA LEU D 146 45.81 13.40 -2.97
C LEU D 146 45.72 12.29 -4.03
N ALA D 147 44.59 11.59 -4.04
CA ALA D 147 44.29 10.60 -5.06
C ALA D 147 43.68 11.34 -6.24
N THR D 148 44.23 11.14 -7.44
CA THR D 148 43.88 11.94 -8.61
C THR D 148 43.74 11.17 -9.93
N GLY D 149 42.85 11.67 -10.79
CA GLY D 149 42.73 11.19 -12.17
C GLY D 149 41.94 9.91 -12.35
N PHE D 150 41.05 9.60 -11.42
CA PHE D 150 40.31 8.35 -11.47
C PHE D 150 38.88 8.52 -11.99
N TYR D 151 38.36 7.46 -12.61
CA TYR D 151 36.99 7.41 -13.12
C TYR D 151 36.51 5.95 -13.18
N PRO D 152 35.31 5.67 -12.65
CA PRO D 152 34.42 6.60 -11.97
C PRO D 152 34.83 6.81 -10.51
N ASP D 153 33.97 7.44 -9.72
CA ASP D 153 34.34 7.80 -8.34
C ASP D 153 34.03 6.71 -7.31
N HIS D 154 34.52 5.50 -7.57
CA HIS D 154 34.40 4.40 -6.63
C HIS D 154 35.71 4.15 -5.90
N VAL D 155 35.90 4.86 -4.78
CA VAL D 155 37.13 4.76 -3.98
C VAL D 155 36.89 4.97 -2.49
N GLU D 156 37.48 4.09 -1.67
CA GLU D 156 37.55 4.30 -0.23
C GLU D 156 39.01 4.52 0.18
N LEU D 157 39.24 5.62 0.88
CA LEU D 157 40.58 6.05 1.25
C LEU D 157 40.88 5.68 2.71
N SER D 158 41.99 4.98 2.91
CA SER D 158 42.40 4.59 4.25
C SER D 158 43.79 5.10 4.61
N TRP D 159 43.95 5.57 5.85
CA TRP D 159 45.27 5.91 6.38
C TRP D 159 45.79 4.74 7.22
N TRP D 160 47.05 4.38 6.98
CA TRP D 160 47.71 3.27 7.69
C TRP D 160 49.01 3.73 8.34
N VAL D 161 48.99 3.82 9.68
CA VAL D 161 50.14 4.27 10.44
C VAL D 161 50.85 3.08 11.10
N ASN D 162 52.12 2.89 10.73
CA ASN D 162 52.92 1.75 11.17
C ASN D 162 52.26 0.42 10.82
N GLY D 163 51.59 0.39 9.66
CA GLY D 163 50.89 -0.82 9.20
C GLY D 163 49.62 -1.13 9.95
N LYS D 164 49.04 -0.12 10.59
CA LYS D 164 47.77 -0.24 11.30
C LYS D 164 46.89 0.97 10.97
N GLU D 165 45.61 0.71 10.69
CA GLU D 165 44.69 1.75 10.22
C GLU D 165 44.29 2.70 11.33
N VAL D 166 44.43 4.00 11.07
CA VAL D 166 43.99 5.01 12.03
C VAL D 166 42.65 5.63 11.66
N HIS D 167 41.96 6.15 12.67
CA HIS D 167 40.68 6.84 12.51
C HIS D 167 40.75 8.24 13.14
N SER D 168 41.41 8.32 14.29
CA SER D 168 41.61 9.57 15.02
C SER D 168 42.54 10.51 14.26
N GLY D 169 42.11 11.77 14.14
CA GLY D 169 42.86 12.80 13.42
C GLY D 169 42.81 12.70 11.91
N VAL D 170 41.78 12.02 11.39
CA VAL D 170 41.64 11.79 9.96
C VAL D 170 40.39 12.47 9.44
N CYS D 171 40.50 13.08 8.26
CA CYS D 171 39.34 13.68 7.60
C CYS D 171 39.43 13.58 6.09
N THR D 172 38.59 12.73 5.52
CA THR D 172 38.50 12.57 4.08
C THR D 172 37.37 13.45 3.56
N ASP D 173 37.47 13.85 2.28
CA ASP D 173 36.39 14.61 1.64
C ASP D 173 35.13 13.76 1.53
N PRO D 174 33.98 14.36 1.85
CA PRO D 174 32.70 13.69 1.69
C PRO D 174 32.51 13.20 0.25
N GLN D 175 32.73 14.10 -0.70
CA GLN D 175 32.60 13.78 -2.12
C GLN D 175 33.81 14.32 -2.92
N PRO D 176 34.23 13.60 -3.98
CA PRO D 176 35.34 14.05 -4.82
C PRO D 176 34.94 15.19 -5.75
N LEU D 177 35.93 15.86 -6.33
CA LEU D 177 35.68 16.94 -7.29
C LEU D 177 36.09 16.58 -8.71
N LYS D 178 35.31 17.09 -9.67
CA LYS D 178 35.59 16.95 -11.09
C LYS D 178 36.88 17.70 -11.42
N GLU D 179 37.81 17.02 -12.09
CA GLU D 179 39.05 17.68 -12.54
C GLU D 179 38.80 18.63 -13.73
N GLN D 180 37.70 18.40 -14.44
CA GLN D 180 37.24 19.31 -15.50
C GLN D 180 35.71 19.40 -15.49
N PRO D 181 35.17 20.38 -14.76
CA PRO D 181 33.73 20.47 -14.46
C PRO D 181 32.81 20.69 -15.68
N ALA D 182 33.26 21.48 -16.64
CA ALA D 182 32.44 21.88 -17.79
C ALA D 182 32.01 20.72 -18.70
N LEU D 183 32.76 19.62 -18.65
CA LEU D 183 32.41 18.41 -19.39
C LEU D 183 32.01 17.26 -18.46
N ASN D 184 31.17 16.36 -18.96
CA ASN D 184 30.57 15.30 -18.15
C ASN D 184 31.52 14.20 -17.67
N ASP D 185 32.14 13.49 -18.63
CA ASP D 185 32.94 12.29 -18.36
C ASP D 185 34.29 12.57 -17.68
N SER D 186 34.34 13.66 -16.90
CA SER D 186 35.56 14.13 -16.25
C SER D 186 36.13 13.13 -15.26
N ARG D 187 37.46 13.13 -15.15
CA ARG D 187 38.17 12.38 -14.11
C ARG D 187 37.89 13.01 -12.76
N TYR D 188 38.13 12.26 -11.69
CA TYR D 188 37.90 12.77 -10.33
C TYR D 188 39.18 12.83 -9.50
N ALA D 189 39.16 13.68 -8.48
CA ALA D 189 40.23 13.74 -7.48
C ALA D 189 39.65 13.78 -6.06
N LEU D 190 40.34 13.15 -5.11
CA LEU D 190 39.89 13.12 -3.71
C LEU D 190 41.02 13.39 -2.73
N SER D 191 40.74 14.18 -1.69
CA SER D 191 41.76 14.60 -0.72
C SER D 191 41.44 14.24 0.72
N SER D 192 42.45 13.74 1.44
CA SER D 192 42.28 13.39 2.85
C SER D 192 43.44 13.88 3.73
N ARG D 193 43.11 14.21 4.98
CA ARG D 193 44.09 14.70 5.94
C ARG D 193 44.43 13.66 7.01
N LEU D 194 45.54 13.90 7.70
CA LEU D 194 45.90 13.16 8.91
C LEU D 194 46.73 14.07 9.79
N ARG D 195 46.27 14.29 11.02
CA ARG D 195 46.94 15.24 11.91
C ARG D 195 47.44 14.61 13.21
N VAL D 196 48.75 14.41 13.27
CA VAL D 196 49.43 13.89 14.47
C VAL D 196 50.19 14.99 15.22
N SER D 197 50.60 14.70 16.45
CA SER D 197 51.40 15.64 17.25
C SER D 197 52.79 15.81 16.64
N ALA D 198 53.38 16.99 16.81
CA ALA D 198 54.68 17.30 16.23
C ALA D 198 55.76 16.32 16.69
N THR D 199 55.72 15.96 17.98
CA THR D 199 56.65 14.97 18.53
C THR D 199 56.50 13.60 17.85
N PHE D 200 55.28 13.27 17.45
CA PHE D 200 54.98 12.00 16.78
C PHE D 200 55.58 11.92 15.36
N TRP D 201 55.47 13.02 14.61
CA TRP D 201 56.03 13.11 13.26
C TRP D 201 57.56 13.12 13.24
N GLN D 202 58.16 13.62 14.32
CA GLN D 202 59.61 13.79 14.41
C GLN D 202 60.38 12.50 14.73
N ASN D 203 59.65 11.39 14.90
CA ASN D 203 60.29 10.08 15.05
C ASN D 203 60.40 9.35 13.71
N PRO D 204 61.64 9.09 13.25
CA PRO D 204 61.93 8.36 12.01
C PRO D 204 61.47 6.89 11.99
N ARG D 205 61.25 6.31 13.17
CA ARG D 205 60.78 4.91 13.27
C ARG D 205 59.31 4.78 12.84
N ASN D 206 58.61 5.91 12.79
CA ASN D 206 57.19 5.97 12.40
C ASN D 206 56.99 5.92 10.89
N HIS D 207 55.85 5.36 10.50
CA HIS D 207 55.61 5.00 9.11
C HIS D 207 54.20 5.39 8.70
N PHE D 208 54.08 5.99 7.51
CA PHE D 208 52.78 6.48 7.07
C PHE D 208 52.48 5.99 5.68
N ARG D 209 51.21 5.65 5.44
CA ARG D 209 50.74 5.15 4.15
C ARG D 209 49.30 5.59 3.92
N CYS D 210 49.00 5.98 2.68
CA CYS D 210 47.68 6.47 2.34
C CYS D 210 47.04 5.49 1.37
N GLN D 211 46.52 4.38 1.90
CA GLN D 211 45.95 3.31 1.09
C GLN D 211 44.63 3.73 0.43
N VAL D 212 44.51 3.47 -0.88
CA VAL D 212 43.30 3.80 -1.63
C VAL D 212 42.81 2.62 -2.50
N GLN D 213 41.65 2.08 -2.12
CA GLN D 213 40.99 1.01 -2.85
C GLN D 213 40.13 1.60 -3.98
N PHE D 214 40.45 1.23 -5.22
CA PHE D 214 39.69 1.68 -6.39
C PHE D 214 38.90 0.52 -6.95
N TYR D 215 37.67 0.80 -7.34
CA TYR D 215 36.81 -0.21 -7.97
C TYR D 215 36.68 0.10 -9.45
N GLY D 216 37.07 -0.88 -10.26
CA GLY D 216 37.03 -0.77 -11.71
C GLY D 216 36.68 -2.10 -12.35
N LEU D 217 37.27 -2.36 -13.50
CA LEU D 217 37.06 -3.62 -14.22
C LEU D 217 37.41 -4.82 -13.35
N SER D 218 36.69 -5.93 -13.55
CA SER D 218 37.07 -7.20 -12.97
C SER D 218 37.73 -8.04 -14.06
N GLU D 219 38.17 -9.24 -13.71
CA GLU D 219 38.85 -10.12 -14.67
C GLU D 219 37.84 -10.89 -15.53
N ASN D 220 36.77 -10.19 -15.93
CA ASN D 220 35.69 -10.73 -16.76
C ASN D 220 35.47 -9.87 -18.00
N ASP D 221 35.82 -8.59 -17.90
CA ASP D 221 35.63 -7.63 -18.98
C ASP D 221 36.87 -7.61 -19.86
N GLU D 222 36.68 -7.78 -21.17
CA GLU D 222 37.80 -7.83 -22.12
C GLU D 222 38.42 -6.45 -22.37
N TRP D 223 39.75 -6.41 -22.41
CA TRP D 223 40.50 -5.17 -22.65
C TRP D 223 41.36 -5.23 -23.91
N THR D 224 41.67 -4.07 -24.48
CA THR D 224 42.44 -4.01 -25.73
C THR D 224 43.54 -2.94 -25.74
N GLN D 225 43.28 -1.79 -25.12
CA GLN D 225 44.15 -0.62 -25.27
C GLN D 225 45.55 -0.76 -24.67
N ASP D 226 46.46 0.12 -25.10
CA ASP D 226 47.90 -0.01 -24.84
C ASP D 226 48.31 0.09 -23.38
N ARG D 227 47.70 1.02 -22.65
CA ARG D 227 47.90 1.13 -21.21
C ARG D 227 47.27 -0.06 -20.48
N ALA D 228 47.76 -0.33 -19.27
CA ALA D 228 47.29 -1.45 -18.45
C ALA D 228 45.78 -1.34 -18.17
N LYS D 229 45.12 -2.49 -18.15
CA LYS D 229 43.69 -2.54 -17.84
C LYS D 229 43.41 -2.04 -16.42
N PRO D 230 42.46 -1.11 -16.28
CA PRO D 230 42.13 -0.51 -14.99
C PRO D 230 41.24 -1.42 -14.13
N VAL D 231 41.86 -2.39 -13.45
CA VAL D 231 41.13 -3.31 -12.59
C VAL D 231 40.92 -2.73 -11.20
N THR D 232 40.06 -3.38 -10.42
CA THR D 232 39.95 -3.10 -8.99
C THR D 232 41.29 -3.44 -8.36
N GLN D 233 41.85 -2.46 -7.66
CA GLN D 233 43.21 -2.54 -7.15
C GLN D 233 43.42 -1.52 -6.03
N ILE D 234 44.52 -1.68 -5.31
CA ILE D 234 44.90 -0.74 -4.27
C ILE D 234 46.16 0.03 -4.65
N VAL D 235 46.01 1.34 -4.78
CA VAL D 235 47.13 2.23 -5.00
C VAL D 235 47.33 3.00 -3.69
N SER D 236 48.59 3.19 -3.29
CA SER D 236 48.90 3.97 -2.08
C SER D 236 50.31 4.57 -2.07
N ALA D 237 50.46 5.71 -1.40
CA ALA D 237 51.75 6.36 -1.23
C ALA D 237 52.15 6.36 0.25
N GLU D 238 53.41 6.68 0.52
CA GLU D 238 53.92 6.68 1.89
C GLU D 238 55.00 7.73 2.16
N ALA D 239 55.05 8.21 3.41
CA ALA D 239 56.14 9.07 3.89
C ALA D 239 56.66 8.57 5.24
N TRP D 240 57.90 8.91 5.56
CA TRP D 240 58.52 8.52 6.82
C TRP D 240 58.77 9.71 7.71
N GLY D 241 58.76 9.48 9.03
CA GLY D 241 59.06 10.53 10.02
C GLY D 241 60.45 11.13 9.88
N ARG D 242 60.55 12.43 10.15
CA ARG D 242 61.80 13.18 9.96
C ARG D 242 62.34 13.78 11.24
N ALA D 243 63.65 13.66 11.43
CA ALA D 243 64.33 14.32 12.54
C ALA D 243 64.63 15.79 12.20
N ASP D 244 64.85 16.07 10.92
CA ASP D 244 65.29 17.37 10.37
C ASP D 244 66.82 17.41 10.17
#